data_2K0U
# 
_entry.id   2K0U 
# 
_audit_conform.dict_name       mmcif_pdbx.dic 
_audit_conform.dict_version    5.391 
_audit_conform.dict_location   http://mmcif.pdb.org/dictionaries/ascii/mmcif_pdbx.dic 
# 
loop_
_database_2.database_id 
_database_2.database_code 
_database_2.pdbx_database_accession 
_database_2.pdbx_DOI 
PDB   2K0U         pdb_00002k0u 10.2210/pdb2k0u/pdb 
RCSB  RCSB100533   ?            ?                   
WWPDB D_1000100533 ?            ?                   
# 
loop_
_pdbx_audit_revision_history.ordinal 
_pdbx_audit_revision_history.data_content_type 
_pdbx_audit_revision_history.major_revision 
_pdbx_audit_revision_history.minor_revision 
_pdbx_audit_revision_history.revision_date 
1 'Structure model' 1 0 2009-02-03 
2 'Structure model' 1 1 2011-07-13 
3 'Structure model' 1 2 2011-08-31 
4 'Structure model' 1 3 2024-05-01 
# 
_pdbx_audit_revision_details.ordinal             1 
_pdbx_audit_revision_details.revision_ordinal    1 
_pdbx_audit_revision_details.data_content_type   'Structure model' 
_pdbx_audit_revision_details.provider            repository 
_pdbx_audit_revision_details.type                'Initial release' 
_pdbx_audit_revision_details.description         ? 
_pdbx_audit_revision_details.details             ? 
# 
loop_
_pdbx_audit_revision_group.ordinal 
_pdbx_audit_revision_group.revision_ordinal 
_pdbx_audit_revision_group.data_content_type 
_pdbx_audit_revision_group.group 
1 2 'Structure model' 'Version format compliance' 
2 3 'Structure model' 'Database references'       
3 4 'Structure model' 'Data collection'           
4 4 'Structure model' 'Database references'       
5 4 'Structure model' 'Derived calculations'      
# 
loop_
_pdbx_audit_revision_category.ordinal 
_pdbx_audit_revision_category.revision_ordinal 
_pdbx_audit_revision_category.data_content_type 
_pdbx_audit_revision_category.category 
1 4 'Structure model' chem_comp_atom 
2 4 'Structure model' chem_comp_bond 
3 4 'Structure model' database_2     
4 4 'Structure model' struct_ref_seq 
5 4 'Structure model' struct_site    
# 
loop_
_pdbx_audit_revision_item.ordinal 
_pdbx_audit_revision_item.revision_ordinal 
_pdbx_audit_revision_item.data_content_type 
_pdbx_audit_revision_item.item 
1 4 'Structure model' '_database_2.pdbx_DOI'                
2 4 'Structure model' '_database_2.pdbx_database_accession' 
3 4 'Structure model' '_struct_ref_seq.db_align_beg'        
4 4 'Structure model' '_struct_ref_seq.db_align_end'        
5 4 'Structure model' '_struct_site.pdbx_auth_asym_id'      
6 4 'Structure model' '_struct_site.pdbx_auth_comp_id'      
7 4 'Structure model' '_struct_site.pdbx_auth_seq_id'       
# 
_pdbx_database_status.deposit_site                    BMRB 
_pdbx_database_status.entry_id                        2K0U 
_pdbx_database_status.process_site                    RCSB 
_pdbx_database_status.recvd_initial_deposition_date   2008-02-15 
_pdbx_database_status.SG_entry                        ? 
_pdbx_database_status.status_code                     REL 
_pdbx_database_status.status_code_mr                  REL 
_pdbx_database_status.status_code_sf                  ? 
_pdbx_database_status.status_code_cs                  ? 
_pdbx_database_status.pdb_format_compatible           Y 
_pdbx_database_status.status_code_nmr_data            ? 
_pdbx_database_status.methods_development_category    ? 
# 
loop_
_pdbx_database_related.db_id 
_pdbx_database_related.db_name 
_pdbx_database_related.details 
_pdbx_database_related.content_type 
2K0T PDB . unspecified 
2K0V PDB . unspecified 
2K0W PDB . unspecified 
# 
loop_
_audit_author.name 
_audit_author.pdbx_ordinal 
'Bhattacharyya, D.' 1 
'King, C.L.'        2 
'Chaney, S.G.'      3 
'Campbell, S.L.'    4 
# 
_citation.id                        primary 
_citation.title                     
'Flanking Bases Influence the Nature of DNA Distortion by Platinum 1,2-Intrastrand (GG) Cross-Links.' 
_citation.journal_abbrev            'Plos One' 
_citation.journal_volume            6 
_citation.page_first                e23582 
_citation.page_last                 e23582 
_citation.year                      2011 
_citation.journal_id_ASTM           ? 
_citation.country                   US 
_citation.journal_id_ISSN           1932-6203 
_citation.journal_id_CSD            ? 
_citation.book_publisher            ? 
_citation.pdbx_database_id_PubMed   21853154 
_citation.pdbx_database_id_DOI      10.1371/journal.pone.0023582 
# 
loop_
_citation_author.citation_id 
_citation_author.name 
_citation_author.ordinal 
_citation_author.identifier_ORCID 
primary 'Bhattacharyya, D.'       1  ? 
primary 'Ramachandran, S.'        2  ? 
primary 'Sharma, S.'              3  ? 
primary 'Pathmasiri, W.'          4  ? 
primary 'King, C.L.'              5  ? 
primary 'Baskerville-Abraham, I.' 6  ? 
primary 'Boysen, G.'              7  ? 
primary 'Swenberg, J.A.'          8  ? 
primary 'Campbell, S.L.'          9  ? 
primary 'Dokholyan, N.V.'         10 ? 
primary 'Chaney, S.G.'            11 ? 
# 
loop_
_entity.id 
_entity.type 
_entity.src_method 
_entity.pdbx_description 
_entity.formula_weight 
_entity.pdbx_number_of_molecules 
_entity.pdbx_ec 
_entity.pdbx_mutation 
_entity.pdbx_fragment 
_entity.details 
1 polymer     syn 
;DNA (5'-D(*DCP*DCP*DTP*DCP*DTP*DGP*DGP*DTP*DCP*DTP*DCP*DC)-3')
;
3565.316 1 ? ? ? ? 
2 polymer     syn 
;DNA (5'-D(*DGP*DGP*DAP*DGP*DAP*DCP*DCP*DAP*DGP*DAP*DGP*DG)-3')
;
3761.468 1 ? ? ? ? 
3 non-polymer syn 'CYCLOHEXANE-1(R),2(R)-DIAMINE-PLATINUM(II)'                     309.267  1 ? ? ? ? 
# 
loop_
_entity_poly.entity_id 
_entity_poly.type 
_entity_poly.nstd_linkage 
_entity_poly.nstd_monomer 
_entity_poly.pdbx_seq_one_letter_code 
_entity_poly.pdbx_seq_one_letter_code_can 
_entity_poly.pdbx_strand_id 
_entity_poly.pdbx_target_identifier 
1 polydeoxyribonucleotide no no '(DC)(DC)(DT)(DC)(DT)(DG)(DG)(DT)(DC)(DT)(DC)(DC)' CCTCTGGTCTCC A ? 
2 polydeoxyribonucleotide no no '(DG)(DG)(DA)(DG)(DA)(DC)(DC)(DA)(DG)(DA)(DG)(DG)' GGAGACCAGAGG B ? 
# 
_pdbx_entity_nonpoly.entity_id   3 
_pdbx_entity_nonpoly.name        'CYCLOHEXANE-1(R),2(R)-DIAMINE-PLATINUM(II)' 
_pdbx_entity_nonpoly.comp_id     1PT 
# 
loop_
_entity_poly_seq.entity_id 
_entity_poly_seq.num 
_entity_poly_seq.mon_id 
_entity_poly_seq.hetero 
1 1  DC n 
1 2  DC n 
1 3  DT n 
1 4  DC n 
1 5  DT n 
1 6  DG n 
1 7  DG n 
1 8  DT n 
1 9  DC n 
1 10 DT n 
1 11 DC n 
1 12 DC n 
2 1  DG n 
2 2  DG n 
2 3  DA n 
2 4  DG n 
2 5  DA n 
2 6  DC n 
2 7  DC n 
2 8  DA n 
2 9  DG n 
2 10 DA n 
2 11 DG n 
2 12 DG n 
# 
loop_
_chem_comp.id 
_chem_comp.type 
_chem_comp.mon_nstd_flag 
_chem_comp.name 
_chem_comp.pdbx_synonyms 
_chem_comp.formula 
_chem_comp.formula_weight 
1PT non-polymer   . 'CYCLOHEXANE-1(R),2(R)-DIAMINE-PLATINUM(II)' OXALIPLATIN 'C6 H14 N2 Pt 2'  309.267 
DA  'DNA linking' y "2'-DEOXYADENOSINE-5'-MONOPHOSPHATE"         ?           'C10 H14 N5 O6 P' 331.222 
DC  'DNA linking' y "2'-DEOXYCYTIDINE-5'-MONOPHOSPHATE"          ?           'C9 H14 N3 O7 P'  307.197 
DG  'DNA linking' y "2'-DEOXYGUANOSINE-5'-MONOPHOSPHATE"         ?           'C10 H14 N5 O7 P' 347.221 
DT  'DNA linking' y "THYMIDINE-5'-MONOPHOSPHATE"                 ?           'C10 H15 N2 O8 P' 322.208 
# 
loop_
_pdbx_poly_seq_scheme.asym_id 
_pdbx_poly_seq_scheme.entity_id 
_pdbx_poly_seq_scheme.seq_id 
_pdbx_poly_seq_scheme.mon_id 
_pdbx_poly_seq_scheme.ndb_seq_num 
_pdbx_poly_seq_scheme.pdb_seq_num 
_pdbx_poly_seq_scheme.auth_seq_num 
_pdbx_poly_seq_scheme.pdb_mon_id 
_pdbx_poly_seq_scheme.auth_mon_id 
_pdbx_poly_seq_scheme.pdb_strand_id 
_pdbx_poly_seq_scheme.pdb_ins_code 
_pdbx_poly_seq_scheme.hetero 
A 1 1  DC 1  1  1  DC DC A . n 
A 1 2  DC 2  2  2  DC DC A . n 
A 1 3  DT 3  3  3  DT DT A . n 
A 1 4  DC 4  4  4  DC DC A . n 
A 1 5  DT 5  5  5  DT DT A . n 
A 1 6  DG 6  6  6  DG DG A . n 
A 1 7  DG 7  7  7  DG DG A . n 
A 1 8  DT 8  8  8  DT DT A . n 
A 1 9  DC 9  9  9  DC DC A . n 
A 1 10 DT 10 10 10 DT DT A . n 
A 1 11 DC 11 11 11 DC DC A . n 
A 1 12 DC 12 12 12 DC DC A . n 
B 2 1  DG 1  13 13 DG DG B . n 
B 2 2  DG 2  14 14 DG DG B . n 
B 2 3  DA 3  15 15 DA DA B . n 
B 2 4  DG 4  16 16 DG DG B . n 
B 2 5  DA 5  17 17 DA DA B . n 
B 2 6  DC 6  18 18 DC DC B . n 
B 2 7  DC 7  19 19 DC DC B . n 
B 2 8  DA 8  20 20 DA DA B . n 
B 2 9  DG 9  21 21 DG DG B . n 
B 2 10 DA 10 22 22 DA DA B . n 
B 2 11 DG 11 23 23 DG DG B . n 
B 2 12 DG 12 24 24 DG DG B . n 
# 
_pdbx_nonpoly_scheme.asym_id         C 
_pdbx_nonpoly_scheme.entity_id       3 
_pdbx_nonpoly_scheme.mon_id          1PT 
_pdbx_nonpoly_scheme.ndb_seq_num     1 
_pdbx_nonpoly_scheme.pdb_seq_num     13 
_pdbx_nonpoly_scheme.auth_seq_num    7 
_pdbx_nonpoly_scheme.pdb_mon_id      1PT 
_pdbx_nonpoly_scheme.auth_mon_id     1PT 
_pdbx_nonpoly_scheme.pdb_strand_id   A 
_pdbx_nonpoly_scheme.pdb_ins_code    . 
# 
_exptl.absorpt_coefficient_mu     ? 
_exptl.absorpt_correction_T_max   ? 
_exptl.absorpt_correction_T_min   ? 
_exptl.absorpt_correction_type    ? 
_exptl.absorpt_process_details    ? 
_exptl.crystals_number            ? 
_exptl.details                    ? 
_exptl.entry_id                   2K0U 
_exptl.method                     'SOLUTION NMR' 
_exptl.method_details             ? 
# 
_struct.entry_id                  2K0U 
_struct.title                     'High Resolution Solution NMR Structures of Oxaliplatin-DNA Adduct' 
_struct.pdbx_model_details        ? 
_struct.pdbx_CASP_flag            ? 
_struct.pdbx_model_type_details   'minimized average' 
# 
_struct_keywords.entry_id        2K0U 
_struct_keywords.pdbx_keywords   DNA 
_struct_keywords.text            'Oxaliplatin-DNA Adduct, DNA' 
# 
loop_
_struct_asym.id 
_struct_asym.pdbx_blank_PDB_chainid_flag 
_struct_asym.pdbx_modified 
_struct_asym.entity_id 
_struct_asym.details 
A N N 1 ? 
B N N 2 ? 
C N N 3 ? 
# 
loop_
_struct_ref.entity_id 
_struct_ref.pdbx_db_accession 
_struct_ref.id 
_struct_ref.db_code 
_struct_ref.db_name 
_struct_ref.pdbx_align_begin 
_struct_ref.pdbx_seq_one_letter_code 
_struct_ref.pdbx_db_isoform 
1 2K0U 1 2K0U PDB 1 CCTCTGGTCTCC ? 
2 2K0U 2 2K0U PDB 1 GGAGACCAGAGG ? 
# 
loop_
_struct_ref_seq.align_id 
_struct_ref_seq.ref_id 
_struct_ref_seq.pdbx_PDB_id_code 
_struct_ref_seq.pdbx_strand_id 
_struct_ref_seq.seq_align_beg 
_struct_ref_seq.pdbx_seq_align_beg_ins_code 
_struct_ref_seq.seq_align_end 
_struct_ref_seq.pdbx_seq_align_end_ins_code 
_struct_ref_seq.pdbx_db_accession 
_struct_ref_seq.db_align_beg 
_struct_ref_seq.pdbx_db_align_beg_ins_code 
_struct_ref_seq.db_align_end 
_struct_ref_seq.pdbx_db_align_end_ins_code 
_struct_ref_seq.pdbx_auth_seq_align_beg 
_struct_ref_seq.pdbx_auth_seq_align_end 
1 1 2K0U A 1 ? 12 ? 2K0U 1  ? 12 ? 1  12 
2 2 2K0U B 1 ? 12 ? 2K0U 13 ? 24 ? 13 24 
# 
_pdbx_struct_assembly.id                   1 
_pdbx_struct_assembly.details              author_defined_assembly 
_pdbx_struct_assembly.method_details       ? 
_pdbx_struct_assembly.oligomeric_details   dimeric 
_pdbx_struct_assembly.oligomeric_count     2 
# 
_pdbx_struct_assembly_gen.assembly_id       1 
_pdbx_struct_assembly_gen.oper_expression   1 
_pdbx_struct_assembly_gen.asym_id_list      A,B,C 
# 
_pdbx_struct_oper_list.id                   1 
_pdbx_struct_oper_list.type                 'identity operation' 
_pdbx_struct_oper_list.name                 1_555 
_pdbx_struct_oper_list.symmetry_operation   x,y,z 
_pdbx_struct_oper_list.matrix[1][1]         1.0000000000 
_pdbx_struct_oper_list.matrix[1][2]         0.0000000000 
_pdbx_struct_oper_list.matrix[1][3]         0.0000000000 
_pdbx_struct_oper_list.vector[1]            0.0000000000 
_pdbx_struct_oper_list.matrix[2][1]         0.0000000000 
_pdbx_struct_oper_list.matrix[2][2]         1.0000000000 
_pdbx_struct_oper_list.matrix[2][3]         0.0000000000 
_pdbx_struct_oper_list.vector[2]            0.0000000000 
_pdbx_struct_oper_list.matrix[3][1]         0.0000000000 
_pdbx_struct_oper_list.matrix[3][2]         0.0000000000 
_pdbx_struct_oper_list.matrix[3][3]         1.0000000000 
_pdbx_struct_oper_list.vector[3]            0.0000000000 
# 
_struct_biol.id        1 
_struct_biol.details   ? 
# 
loop_
_struct_conn.id 
_struct_conn.conn_type_id 
_struct_conn.pdbx_leaving_atom_flag 
_struct_conn.pdbx_PDB_id 
_struct_conn.ptnr1_label_asym_id 
_struct_conn.ptnr1_label_comp_id 
_struct_conn.ptnr1_label_seq_id 
_struct_conn.ptnr1_label_atom_id 
_struct_conn.pdbx_ptnr1_label_alt_id 
_struct_conn.pdbx_ptnr1_PDB_ins_code 
_struct_conn.pdbx_ptnr1_standard_comp_id 
_struct_conn.ptnr1_symmetry 
_struct_conn.ptnr2_label_asym_id 
_struct_conn.ptnr2_label_comp_id 
_struct_conn.ptnr2_label_seq_id 
_struct_conn.ptnr2_label_atom_id 
_struct_conn.pdbx_ptnr2_label_alt_id 
_struct_conn.pdbx_ptnr2_PDB_ins_code 
_struct_conn.ptnr1_auth_asym_id 
_struct_conn.ptnr1_auth_comp_id 
_struct_conn.ptnr1_auth_seq_id 
_struct_conn.ptnr2_auth_asym_id 
_struct_conn.ptnr2_auth_comp_id 
_struct_conn.ptnr2_auth_seq_id 
_struct_conn.ptnr2_symmetry 
_struct_conn.pdbx_ptnr3_label_atom_id 
_struct_conn.pdbx_ptnr3_label_seq_id 
_struct_conn.pdbx_ptnr3_label_comp_id 
_struct_conn.pdbx_ptnr3_label_asym_id 
_struct_conn.pdbx_ptnr3_label_alt_id 
_struct_conn.pdbx_ptnr3_PDB_ins_code 
_struct_conn.details 
_struct_conn.pdbx_dist_value 
_struct_conn.pdbx_value_order 
_struct_conn.pdbx_role 
metalc1  metalc ? ? A DG 6  N7 ? ? ? 1_555 C 1PT .  PT ? ? A DG 6  A 1PT 13 1_555 ? ? ? ? ? ? ?            2.015 ? ? 
metalc2  metalc ? ? A DG 7  N7 ? ? ? 1_555 C 1PT .  PT ? ? A DG 7  A 1PT 13 1_555 ? ? ? ? ? ? ?            2.010 ? ? 
hydrog1  hydrog ? ? A DC 1  N3 ? ? ? 1_555 B DG  12 N1 ? ? A DC 1  B DG  24 1_555 ? ? ? ? ? ? WATSON-CRICK ?     ? ? 
hydrog2  hydrog ? ? A DC 1  N4 ? ? ? 1_555 B DG  12 O6 ? ? A DC 1  B DG  24 1_555 ? ? ? ? ? ? WATSON-CRICK ?     ? ? 
hydrog3  hydrog ? ? A DC 1  O2 ? ? ? 1_555 B DG  12 N2 ? ? A DC 1  B DG  24 1_555 ? ? ? ? ? ? WATSON-CRICK ?     ? ? 
hydrog4  hydrog ? ? A DC 2  N3 ? ? ? 1_555 B DG  11 N1 ? ? A DC 2  B DG  23 1_555 ? ? ? ? ? ? WATSON-CRICK ?     ? ? 
hydrog5  hydrog ? ? A DC 2  N4 ? ? ? 1_555 B DG  11 O6 ? ? A DC 2  B DG  23 1_555 ? ? ? ? ? ? WATSON-CRICK ?     ? ? 
hydrog6  hydrog ? ? A DC 2  O2 ? ? ? 1_555 B DG  11 N2 ? ? A DC 2  B DG  23 1_555 ? ? ? ? ? ? WATSON-CRICK ?     ? ? 
hydrog7  hydrog ? ? A DT 3  N3 ? ? ? 1_555 B DA  10 N1 ? ? A DT 3  B DA  22 1_555 ? ? ? ? ? ? WATSON-CRICK ?     ? ? 
hydrog8  hydrog ? ? A DT 3  O4 ? ? ? 1_555 B DA  10 N6 ? ? A DT 3  B DA  22 1_555 ? ? ? ? ? ? WATSON-CRICK ?     ? ? 
hydrog9  hydrog ? ? A DC 4  N3 ? ? ? 1_555 B DG  9  N1 ? ? A DC 4  B DG  21 1_555 ? ? ? ? ? ? WATSON-CRICK ?     ? ? 
hydrog10 hydrog ? ? A DC 4  N4 ? ? ? 1_555 B DG  9  O6 ? ? A DC 4  B DG  21 1_555 ? ? ? ? ? ? WATSON-CRICK ?     ? ? 
hydrog11 hydrog ? ? A DC 4  O2 ? ? ? 1_555 B DG  9  N2 ? ? A DC 4  B DG  21 1_555 ? ? ? ? ? ? WATSON-CRICK ?     ? ? 
hydrog12 hydrog ? ? A DT 5  N3 ? ? ? 1_555 B DA  8  N1 ? ? A DT 5  B DA  20 1_555 ? ? ? ? ? ? WATSON-CRICK ?     ? ? 
hydrog13 hydrog ? ? A DT 5  O4 ? ? ? 1_555 B DA  8  N6 ? ? A DT 5  B DA  20 1_555 ? ? ? ? ? ? WATSON-CRICK ?     ? ? 
hydrog14 hydrog ? ? A DG 6  N1 ? ? ? 1_555 B DC  7  N3 ? ? A DG 6  B DC  19 1_555 ? ? ? ? ? ? WATSON-CRICK ?     ? ? 
hydrog15 hydrog ? ? A DG 6  N2 ? ? ? 1_555 B DC  7  O2 ? ? A DG 6  B DC  19 1_555 ? ? ? ? ? ? WATSON-CRICK ?     ? ? 
hydrog16 hydrog ? ? A DG 6  O6 ? ? ? 1_555 B DC  7  N4 ? ? A DG 6  B DC  19 1_555 ? ? ? ? ? ? WATSON-CRICK ?     ? ? 
hydrog17 hydrog ? ? A DG 7  N1 ? ? ? 1_555 B DC  6  N3 ? ? A DG 7  B DC  18 1_555 ? ? ? ? ? ? WATSON-CRICK ?     ? ? 
hydrog18 hydrog ? ? A DG 7  N2 ? ? ? 1_555 B DC  6  O2 ? ? A DG 7  B DC  18 1_555 ? ? ? ? ? ? WATSON-CRICK ?     ? ? 
hydrog19 hydrog ? ? A DG 7  O6 ? ? ? 1_555 B DC  6  N4 ? ? A DG 7  B DC  18 1_555 ? ? ? ? ? ? WATSON-CRICK ?     ? ? 
hydrog20 hydrog ? ? A DT 8  N3 ? ? ? 1_555 B DA  5  N1 ? ? A DT 8  B DA  17 1_555 ? ? ? ? ? ? WATSON-CRICK ?     ? ? 
hydrog21 hydrog ? ? A DT 8  O4 ? ? ? 1_555 B DA  5  N6 ? ? A DT 8  B DA  17 1_555 ? ? ? ? ? ? WATSON-CRICK ?     ? ? 
hydrog22 hydrog ? ? A DC 9  N3 ? ? ? 1_555 B DG  4  N1 ? ? A DC 9  B DG  16 1_555 ? ? ? ? ? ? WATSON-CRICK ?     ? ? 
hydrog23 hydrog ? ? A DC 9  N4 ? ? ? 1_555 B DG  4  O6 ? ? A DC 9  B DG  16 1_555 ? ? ? ? ? ? WATSON-CRICK ?     ? ? 
hydrog24 hydrog ? ? A DC 9  O2 ? ? ? 1_555 B DG  4  N2 ? ? A DC 9  B DG  16 1_555 ? ? ? ? ? ? WATSON-CRICK ?     ? ? 
hydrog25 hydrog ? ? A DT 10 N3 ? ? ? 1_555 B DA  3  N1 ? ? A DT 10 B DA  15 1_555 ? ? ? ? ? ? WATSON-CRICK ?     ? ? 
hydrog26 hydrog ? ? A DT 10 O4 ? ? ? 1_555 B DA  3  N6 ? ? A DT 10 B DA  15 1_555 ? ? ? ? ? ? WATSON-CRICK ?     ? ? 
hydrog27 hydrog ? ? A DC 11 N3 ? ? ? 1_555 B DG  2  N1 ? ? A DC 11 B DG  14 1_555 ? ? ? ? ? ? WATSON-CRICK ?     ? ? 
hydrog28 hydrog ? ? A DC 11 N4 ? ? ? 1_555 B DG  2  O6 ? ? A DC 11 B DG  14 1_555 ? ? ? ? ? ? WATSON-CRICK ?     ? ? 
hydrog29 hydrog ? ? A DC 11 O2 ? ? ? 1_555 B DG  2  N2 ? ? A DC 11 B DG  14 1_555 ? ? ? ? ? ? WATSON-CRICK ?     ? ? 
hydrog30 hydrog ? ? A DC 12 N3 ? ? ? 1_555 B DG  1  N1 ? ? A DC 12 B DG  13 1_555 ? ? ? ? ? ? WATSON-CRICK ?     ? ? 
hydrog31 hydrog ? ? A DC 12 N4 ? ? ? 1_555 B DG  1  O6 ? ? A DC 12 B DG  13 1_555 ? ? ? ? ? ? WATSON-CRICK ?     ? ? 
hydrog32 hydrog ? ? A DC 12 O2 ? ? ? 1_555 B DG  1  N2 ? ? A DC 12 B DG  13 1_555 ? ? ? ? ? ? WATSON-CRICK ?     ? ? 
# 
loop_
_struct_conn_type.id 
_struct_conn_type.criteria 
_struct_conn_type.reference 
metalc ? ? 
hydrog ? ? 
# 
loop_
_pdbx_struct_conn_angle.id 
_pdbx_struct_conn_angle.ptnr1_label_atom_id 
_pdbx_struct_conn_angle.ptnr1_label_alt_id 
_pdbx_struct_conn_angle.ptnr1_label_asym_id 
_pdbx_struct_conn_angle.ptnr1_label_comp_id 
_pdbx_struct_conn_angle.ptnr1_label_seq_id 
_pdbx_struct_conn_angle.ptnr1_auth_atom_id 
_pdbx_struct_conn_angle.ptnr1_auth_asym_id 
_pdbx_struct_conn_angle.ptnr1_auth_comp_id 
_pdbx_struct_conn_angle.ptnr1_auth_seq_id 
_pdbx_struct_conn_angle.ptnr1_PDB_ins_code 
_pdbx_struct_conn_angle.ptnr1_symmetry 
_pdbx_struct_conn_angle.ptnr2_label_atom_id 
_pdbx_struct_conn_angle.ptnr2_label_alt_id 
_pdbx_struct_conn_angle.ptnr2_label_asym_id 
_pdbx_struct_conn_angle.ptnr2_label_comp_id 
_pdbx_struct_conn_angle.ptnr2_label_seq_id 
_pdbx_struct_conn_angle.ptnr2_auth_atom_id 
_pdbx_struct_conn_angle.ptnr2_auth_asym_id 
_pdbx_struct_conn_angle.ptnr2_auth_comp_id 
_pdbx_struct_conn_angle.ptnr2_auth_seq_id 
_pdbx_struct_conn_angle.ptnr2_PDB_ins_code 
_pdbx_struct_conn_angle.ptnr2_symmetry 
_pdbx_struct_conn_angle.ptnr3_label_atom_id 
_pdbx_struct_conn_angle.ptnr3_label_alt_id 
_pdbx_struct_conn_angle.ptnr3_label_asym_id 
_pdbx_struct_conn_angle.ptnr3_label_comp_id 
_pdbx_struct_conn_angle.ptnr3_label_seq_id 
_pdbx_struct_conn_angle.ptnr3_auth_atom_id 
_pdbx_struct_conn_angle.ptnr3_auth_asym_id 
_pdbx_struct_conn_angle.ptnr3_auth_comp_id 
_pdbx_struct_conn_angle.ptnr3_auth_seq_id 
_pdbx_struct_conn_angle.ptnr3_PDB_ins_code 
_pdbx_struct_conn_angle.ptnr3_symmetry 
_pdbx_struct_conn_angle.value 
_pdbx_struct_conn_angle.value_esd 
1 N7 ? A DG  6 ? A DG  6  ? 1_555 PT ? C 1PT . ? A 1PT 13 ? 1_555 N1 ? C 1PT . ? A 1PT 13 ? 1_555 92.4  ? 
2 N7 ? A DG  6 ? A DG  6  ? 1_555 PT ? C 1PT . ? A 1PT 13 ? 1_555 N2 ? C 1PT . ? A 1PT 13 ? 1_555 178.0 ? 
3 N1 ? C 1PT . ? A 1PT 13 ? 1_555 PT ? C 1PT . ? A 1PT 13 ? 1_555 N2 ? C 1PT . ? A 1PT 13 ? 1_555 85.7  ? 
4 N7 ? A DG  6 ? A DG  6  ? 1_555 PT ? C 1PT . ? A 1PT 13 ? 1_555 N7 ? A DG  7 ? A DG  7  ? 1_555 91.7  ? 
5 N1 ? C 1PT . ? A 1PT 13 ? 1_555 PT ? C 1PT . ? A 1PT 13 ? 1_555 N7 ? A DG  7 ? A DG  7  ? 1_555 175.9 ? 
6 N2 ? C 1PT . ? A 1PT 13 ? 1_555 PT ? C 1PT . ? A 1PT 13 ? 1_555 N7 ? A DG  7 ? A DG  7  ? 1_555 90.2  ? 
# 
_struct_site.id                   AC1 
_struct_site.pdbx_evidence_code   Software 
_struct_site.pdbx_auth_asym_id    A 
_struct_site.pdbx_auth_comp_id    1PT 
_struct_site.pdbx_auth_seq_id     13 
_struct_site.pdbx_auth_ins_code   ? 
_struct_site.pdbx_num_residues    4 
_struct_site.details              'BINDING SITE FOR RESIDUE 1PT A 13' 
# 
loop_
_struct_site_gen.id 
_struct_site_gen.site_id 
_struct_site_gen.pdbx_num_res 
_struct_site_gen.label_comp_id 
_struct_site_gen.label_asym_id 
_struct_site_gen.label_seq_id 
_struct_site_gen.pdbx_auth_ins_code 
_struct_site_gen.auth_comp_id 
_struct_site_gen.auth_asym_id 
_struct_site_gen.auth_seq_id 
_struct_site_gen.label_atom_id 
_struct_site_gen.label_alt_id 
_struct_site_gen.symmetry 
_struct_site_gen.details 
1 AC1 4 DT A 5 ? DT A 5 . ? 1_555 ? 
2 AC1 4 DG A 6 ? DG A 6 . ? 1_555 ? 
3 AC1 4 DG A 7 ? DG A 7 . ? 1_555 ? 
4 AC1 4 DT A 8 ? DT A 8 . ? 1_555 ? 
# 
loop_
_pdbx_validate_close_contact.id 
_pdbx_validate_close_contact.PDB_model_num 
_pdbx_validate_close_contact.auth_atom_id_1 
_pdbx_validate_close_contact.auth_asym_id_1 
_pdbx_validate_close_contact.auth_comp_id_1 
_pdbx_validate_close_contact.auth_seq_id_1 
_pdbx_validate_close_contact.PDB_ins_code_1 
_pdbx_validate_close_contact.label_alt_id_1 
_pdbx_validate_close_contact.auth_atom_id_2 
_pdbx_validate_close_contact.auth_asym_id_2 
_pdbx_validate_close_contact.auth_comp_id_2 
_pdbx_validate_close_contact.auth_seq_id_2 
_pdbx_validate_close_contact.PDB_ins_code_2 
_pdbx_validate_close_contact.label_alt_id_2 
_pdbx_validate_close_contact.dist 
1 1 O2  A DC 9  ? ? H22 B DG 16 ? ? 1.53 
2 1 O2  A DC 12 ? ? H22 B DG 13 ? ? 1.54 
3 1 H22 A DG 6  ? ? O2  B DC 19 ? ? 1.54 
4 1 H22 A DG 7  ? ? O2  B DC 18 ? ? 1.54 
5 1 O2  A DC 2  ? ? H22 B DG 23 ? ? 1.55 
6 1 O2  A DC 1  ? ? H22 B DG 24 ? ? 1.55 
# 
_pdbx_nmr_ensemble.average_constraint_violations_per_residue     ? 
_pdbx_nmr_ensemble.average_constraints_per_residue               ? 
_pdbx_nmr_ensemble.average_distance_constraint_violation         ? 
_pdbx_nmr_ensemble.average_torsion_angle_constraint_violation    ? 
_pdbx_nmr_ensemble.conformer_selection_criteria                  'structures with the lowest energy' 
_pdbx_nmr_ensemble.conformers_calculated_total_number            20 
_pdbx_nmr_ensemble.conformers_submitted_total_number             1 
_pdbx_nmr_ensemble.distance_constraint_violation_method          ? 
_pdbx_nmr_ensemble.entry_id                                      2K0U 
_pdbx_nmr_ensemble.maximum_distance_constraint_violation         ? 
_pdbx_nmr_ensemble.maximum_lower_distance_constraint_violation   ? 
_pdbx_nmr_ensemble.maximum_torsion_angle_constraint_violation    ? 
_pdbx_nmr_ensemble.maximum_upper_distance_constraint_violation   ? 
_pdbx_nmr_ensemble.torsion_angle_constraint_violation_method     ? 
# 
_pdbx_nmr_ensemble_rms.atom_type                              ? 
_pdbx_nmr_ensemble_rms.bond_angle_rms_dev                     0.695 
_pdbx_nmr_ensemble_rms.bond_angle_rms_dev_error               ? 
_pdbx_nmr_ensemble_rms.chain_range_begin                      ? 
_pdbx_nmr_ensemble_rms.chain_range_end                        ? 
_pdbx_nmr_ensemble_rms.coord_average_rmsd_method              ? 
_pdbx_nmr_ensemble_rms.covalent_bond_rms_dev                  0.0021 
_pdbx_nmr_ensemble_rms.covalent_bond_rms_dev_error            ? 
_pdbx_nmr_ensemble_rms.dihedral_angles_rms_dev                1.859 
_pdbx_nmr_ensemble_rms.dihedral_angles_rms_dev_error          ? 
_pdbx_nmr_ensemble_rms.distance_rms_dev                       ? 
_pdbx_nmr_ensemble_rms.distance_rms_dev_error                 ? 
_pdbx_nmr_ensemble_rms.entry_id                               2K0U 
_pdbx_nmr_ensemble_rms.improper_torsion_angle_rms_dev         0.311 
_pdbx_nmr_ensemble_rms.improper_torsion_angle_rms_dev_error   ? 
_pdbx_nmr_ensemble_rms.peptide_planarity_rms_dev              ? 
_pdbx_nmr_ensemble_rms.peptide_planarity_rms_dev_error        ? 
_pdbx_nmr_ensemble_rms.residue_range_begin                    ? 
_pdbx_nmr_ensemble_rms.residue_range_end                      ? 
# 
_pdbx_nmr_representative.conformer_id         1 
_pdbx_nmr_representative.entry_id             2K0U 
_pdbx_nmr_representative.selection_criteria   'minimized average structure' 
# 
_pdbx_nmr_sample_details.contents         '1 mM mM Oxaliplatin-DNA Adduct, 90% H2O, 10% D2O' 
_pdbx_nmr_sample_details.solution_id      1 
_pdbx_nmr_sample_details.solvent_system   '90% H2O/10% D2O' 
# 
_pdbx_nmr_exptl_sample.component             'Oxaliplatin-DNA Adduct' 
_pdbx_nmr_exptl_sample.concentration         1 
_pdbx_nmr_exptl_sample.concentration_units   mM 
_pdbx_nmr_exptl_sample.isotopic_labeling     ? 
_pdbx_nmr_exptl_sample.solution_id           1 
# 
_pdbx_nmr_exptl_sample_conditions.conditions_id       1 
_pdbx_nmr_exptl_sample_conditions.ionic_strength      '50 mM NaCl' 
_pdbx_nmr_exptl_sample_conditions.pH                  6.8 
_pdbx_nmr_exptl_sample_conditions.pressure            ambient 
_pdbx_nmr_exptl_sample_conditions.pressure_units      ? 
_pdbx_nmr_exptl_sample_conditions.temperature         298 
_pdbx_nmr_exptl_sample_conditions.temperature_units   K 
# 
loop_
_pdbx_nmr_exptl.conditions_id 
_pdbx_nmr_exptl.experiment_id 
_pdbx_nmr_exptl.solution_id 
_pdbx_nmr_exptl.type 
1 1 1 '2D 1H-1H NOESY' 
1 2 1 '2D DQF-COSY'    
1 3 1 '2D 1H-13C HSQC' 
# 
_pdbx_nmr_refine.entry_id           2K0U 
_pdbx_nmr_refine.method             'simulated annealing' 
_pdbx_nmr_refine.details            'energy based refinement with NOE distance constraints' 
_pdbx_nmr_refine.software_ordinal   1 
# 
_pdbx_nmr_software.authors          'Brunger A. T. et.al.' 
_pdbx_nmr_software.classification   refinement 
_pdbx_nmr_software.name             CNS 
_pdbx_nmr_software.version          ? 
_pdbx_nmr_software.ordinal          1 
# 
loop_
_chem_comp_atom.comp_id 
_chem_comp_atom.atom_id 
_chem_comp_atom.type_symbol 
_chem_comp_atom.pdbx_aromatic_flag 
_chem_comp_atom.pdbx_stereo_config 
_chem_comp_atom.pdbx_ordinal 
1PT PT     PT N N 1   
1PT N1     N  N N 2   
1PT N2     N  N N 3   
1PT C1     C  N R 4   
1PT C2     C  N R 5   
1PT C3     C  N N 6   
1PT C4     C  N N 7   
1PT C5     C  N N 8   
1PT C6     C  N N 9   
1PT H11    H  N N 10  
1PT H12    H  N N 11  
1PT H21    H  N N 12  
1PT H22    H  N N 13  
1PT H1     H  N N 14  
1PT H2     H  N N 15  
1PT H31    H  N N 16  
1PT H32    H  N N 17  
1PT H41    H  N N 18  
1PT H42    H  N N 19  
1PT H51    H  N N 20  
1PT H52    H  N N 21  
1PT H61    H  N N 22  
1PT H62    H  N N 23  
DA  OP3    O  N N 24  
DA  P      P  N N 25  
DA  OP1    O  N N 26  
DA  OP2    O  N N 27  
DA  "O5'"  O  N N 28  
DA  "C5'"  C  N N 29  
DA  "C4'"  C  N R 30  
DA  "O4'"  O  N N 31  
DA  "C3'"  C  N S 32  
DA  "O3'"  O  N N 33  
DA  "C2'"  C  N N 34  
DA  "C1'"  C  N R 35  
DA  N9     N  Y N 36  
DA  C8     C  Y N 37  
DA  N7     N  Y N 38  
DA  C5     C  Y N 39  
DA  C6     C  Y N 40  
DA  N6     N  N N 41  
DA  N1     N  Y N 42  
DA  C2     C  Y N 43  
DA  N3     N  Y N 44  
DA  C4     C  Y N 45  
DA  HOP3   H  N N 46  
DA  HOP2   H  N N 47  
DA  "H5'"  H  N N 48  
DA  "H5''" H  N N 49  
DA  "H4'"  H  N N 50  
DA  "H3'"  H  N N 51  
DA  "HO3'" H  N N 52  
DA  "H2'"  H  N N 53  
DA  "H2''" H  N N 54  
DA  "H1'"  H  N N 55  
DA  H8     H  N N 56  
DA  H61    H  N N 57  
DA  H62    H  N N 58  
DA  H2     H  N N 59  
DC  OP3    O  N N 60  
DC  P      P  N N 61  
DC  OP1    O  N N 62  
DC  OP2    O  N N 63  
DC  "O5'"  O  N N 64  
DC  "C5'"  C  N N 65  
DC  "C4'"  C  N R 66  
DC  "O4'"  O  N N 67  
DC  "C3'"  C  N S 68  
DC  "O3'"  O  N N 69  
DC  "C2'"  C  N N 70  
DC  "C1'"  C  N R 71  
DC  N1     N  N N 72  
DC  C2     C  N N 73  
DC  O2     O  N N 74  
DC  N3     N  N N 75  
DC  C4     C  N N 76  
DC  N4     N  N N 77  
DC  C5     C  N N 78  
DC  C6     C  N N 79  
DC  HOP3   H  N N 80  
DC  HOP2   H  N N 81  
DC  "H5'"  H  N N 82  
DC  "H5''" H  N N 83  
DC  "H4'"  H  N N 84  
DC  "H3'"  H  N N 85  
DC  "HO3'" H  N N 86  
DC  "H2'"  H  N N 87  
DC  "H2''" H  N N 88  
DC  "H1'"  H  N N 89  
DC  H41    H  N N 90  
DC  H42    H  N N 91  
DC  H5     H  N N 92  
DC  H6     H  N N 93  
DG  OP3    O  N N 94  
DG  P      P  N N 95  
DG  OP1    O  N N 96  
DG  OP2    O  N N 97  
DG  "O5'"  O  N N 98  
DG  "C5'"  C  N N 99  
DG  "C4'"  C  N R 100 
DG  "O4'"  O  N N 101 
DG  "C3'"  C  N S 102 
DG  "O3'"  O  N N 103 
DG  "C2'"  C  N N 104 
DG  "C1'"  C  N R 105 
DG  N9     N  Y N 106 
DG  C8     C  Y N 107 
DG  N7     N  Y N 108 
DG  C5     C  Y N 109 
DG  C6     C  N N 110 
DG  O6     O  N N 111 
DG  N1     N  N N 112 
DG  C2     C  N N 113 
DG  N2     N  N N 114 
DG  N3     N  N N 115 
DG  C4     C  Y N 116 
DG  HOP3   H  N N 117 
DG  HOP2   H  N N 118 
DG  "H5'"  H  N N 119 
DG  "H5''" H  N N 120 
DG  "H4'"  H  N N 121 
DG  "H3'"  H  N N 122 
DG  "HO3'" H  N N 123 
DG  "H2'"  H  N N 124 
DG  "H2''" H  N N 125 
DG  "H1'"  H  N N 126 
DG  H8     H  N N 127 
DG  H1     H  N N 128 
DG  H21    H  N N 129 
DG  H22    H  N N 130 
DT  OP3    O  N N 131 
DT  P      P  N N 132 
DT  OP1    O  N N 133 
DT  OP2    O  N N 134 
DT  "O5'"  O  N N 135 
DT  "C5'"  C  N N 136 
DT  "C4'"  C  N R 137 
DT  "O4'"  O  N N 138 
DT  "C3'"  C  N S 139 
DT  "O3'"  O  N N 140 
DT  "C2'"  C  N N 141 
DT  "C1'"  C  N R 142 
DT  N1     N  N N 143 
DT  C2     C  N N 144 
DT  O2     O  N N 145 
DT  N3     N  N N 146 
DT  C4     C  N N 147 
DT  O4     O  N N 148 
DT  C5     C  N N 149 
DT  C7     C  N N 150 
DT  C6     C  N N 151 
DT  HOP3   H  N N 152 
DT  HOP2   H  N N 153 
DT  "H5'"  H  N N 154 
DT  "H5''" H  N N 155 
DT  "H4'"  H  N N 156 
DT  "H3'"  H  N N 157 
DT  "HO3'" H  N N 158 
DT  "H2'"  H  N N 159 
DT  "H2''" H  N N 160 
DT  "H1'"  H  N N 161 
DT  H3     H  N N 162 
DT  H71    H  N N 163 
DT  H72    H  N N 164 
DT  H73    H  N N 165 
DT  H6     H  N N 166 
# 
loop_
_chem_comp_bond.comp_id 
_chem_comp_bond.atom_id_1 
_chem_comp_bond.atom_id_2 
_chem_comp_bond.value_order 
_chem_comp_bond.pdbx_aromatic_flag 
_chem_comp_bond.pdbx_stereo_config 
_chem_comp_bond.pdbx_ordinal 
1PT PT    N1     sing N N 1   
1PT PT    N2     sing N N 2   
1PT N1    C1     sing N N 3   
1PT N1    H11    sing N N 4   
1PT N1    H12    sing N N 5   
1PT N2    C2     sing N N 6   
1PT N2    H21    sing N N 7   
1PT N2    H22    sing N N 8   
1PT C1    C2     sing N N 9   
1PT C1    C6     sing N N 10  
1PT C1    H1     sing N N 11  
1PT C2    C3     sing N N 12  
1PT C2    H2     sing N N 13  
1PT C3    C4     sing N N 14  
1PT C3    H31    sing N N 15  
1PT C3    H32    sing N N 16  
1PT C4    C5     sing N N 17  
1PT C4    H41    sing N N 18  
1PT C4    H42    sing N N 19  
1PT C5    C6     sing N N 20  
1PT C5    H51    sing N N 21  
1PT C5    H52    sing N N 22  
1PT C6    H61    sing N N 23  
1PT C6    H62    sing N N 24  
DA  OP3   P      sing N N 25  
DA  OP3   HOP3   sing N N 26  
DA  P     OP1    doub N N 27  
DA  P     OP2    sing N N 28  
DA  P     "O5'"  sing N N 29  
DA  OP2   HOP2   sing N N 30  
DA  "O5'" "C5'"  sing N N 31  
DA  "C5'" "C4'"  sing N N 32  
DA  "C5'" "H5'"  sing N N 33  
DA  "C5'" "H5''" sing N N 34  
DA  "C4'" "O4'"  sing N N 35  
DA  "C4'" "C3'"  sing N N 36  
DA  "C4'" "H4'"  sing N N 37  
DA  "O4'" "C1'"  sing N N 38  
DA  "C3'" "O3'"  sing N N 39  
DA  "C3'" "C2'"  sing N N 40  
DA  "C3'" "H3'"  sing N N 41  
DA  "O3'" "HO3'" sing N N 42  
DA  "C2'" "C1'"  sing N N 43  
DA  "C2'" "H2'"  sing N N 44  
DA  "C2'" "H2''" sing N N 45  
DA  "C1'" N9     sing N N 46  
DA  "C1'" "H1'"  sing N N 47  
DA  N9    C8     sing Y N 48  
DA  N9    C4     sing Y N 49  
DA  C8    N7     doub Y N 50  
DA  C8    H8     sing N N 51  
DA  N7    C5     sing Y N 52  
DA  C5    C6     sing Y N 53  
DA  C5    C4     doub Y N 54  
DA  C6    N6     sing N N 55  
DA  C6    N1     doub Y N 56  
DA  N6    H61    sing N N 57  
DA  N6    H62    sing N N 58  
DA  N1    C2     sing Y N 59  
DA  C2    N3     doub Y N 60  
DA  C2    H2     sing N N 61  
DA  N3    C4     sing Y N 62  
DC  OP3   P      sing N N 63  
DC  OP3   HOP3   sing N N 64  
DC  P     OP1    doub N N 65  
DC  P     OP2    sing N N 66  
DC  P     "O5'"  sing N N 67  
DC  OP2   HOP2   sing N N 68  
DC  "O5'" "C5'"  sing N N 69  
DC  "C5'" "C4'"  sing N N 70  
DC  "C5'" "H5'"  sing N N 71  
DC  "C5'" "H5''" sing N N 72  
DC  "C4'" "O4'"  sing N N 73  
DC  "C4'" "C3'"  sing N N 74  
DC  "C4'" "H4'"  sing N N 75  
DC  "O4'" "C1'"  sing N N 76  
DC  "C3'" "O3'"  sing N N 77  
DC  "C3'" "C2'"  sing N N 78  
DC  "C3'" "H3'"  sing N N 79  
DC  "O3'" "HO3'" sing N N 80  
DC  "C2'" "C1'"  sing N N 81  
DC  "C2'" "H2'"  sing N N 82  
DC  "C2'" "H2''" sing N N 83  
DC  "C1'" N1     sing N N 84  
DC  "C1'" "H1'"  sing N N 85  
DC  N1    C2     sing N N 86  
DC  N1    C6     sing N N 87  
DC  C2    O2     doub N N 88  
DC  C2    N3     sing N N 89  
DC  N3    C4     doub N N 90  
DC  C4    N4     sing N N 91  
DC  C4    C5     sing N N 92  
DC  N4    H41    sing N N 93  
DC  N4    H42    sing N N 94  
DC  C5    C6     doub N N 95  
DC  C5    H5     sing N N 96  
DC  C6    H6     sing N N 97  
DG  OP3   P      sing N N 98  
DG  OP3   HOP3   sing N N 99  
DG  P     OP1    doub N N 100 
DG  P     OP2    sing N N 101 
DG  P     "O5'"  sing N N 102 
DG  OP2   HOP2   sing N N 103 
DG  "O5'" "C5'"  sing N N 104 
DG  "C5'" "C4'"  sing N N 105 
DG  "C5'" "H5'"  sing N N 106 
DG  "C5'" "H5''" sing N N 107 
DG  "C4'" "O4'"  sing N N 108 
DG  "C4'" "C3'"  sing N N 109 
DG  "C4'" "H4'"  sing N N 110 
DG  "O4'" "C1'"  sing N N 111 
DG  "C3'" "O3'"  sing N N 112 
DG  "C3'" "C2'"  sing N N 113 
DG  "C3'" "H3'"  sing N N 114 
DG  "O3'" "HO3'" sing N N 115 
DG  "C2'" "C1'"  sing N N 116 
DG  "C2'" "H2'"  sing N N 117 
DG  "C2'" "H2''" sing N N 118 
DG  "C1'" N9     sing N N 119 
DG  "C1'" "H1'"  sing N N 120 
DG  N9    C8     sing Y N 121 
DG  N9    C4     sing Y N 122 
DG  C8    N7     doub Y N 123 
DG  C8    H8     sing N N 124 
DG  N7    C5     sing Y N 125 
DG  C5    C6     sing N N 126 
DG  C5    C4     doub Y N 127 
DG  C6    O6     doub N N 128 
DG  C6    N1     sing N N 129 
DG  N1    C2     sing N N 130 
DG  N1    H1     sing N N 131 
DG  C2    N2     sing N N 132 
DG  C2    N3     doub N N 133 
DG  N2    H21    sing N N 134 
DG  N2    H22    sing N N 135 
DG  N3    C4     sing N N 136 
DT  OP3   P      sing N N 137 
DT  OP3   HOP3   sing N N 138 
DT  P     OP1    doub N N 139 
DT  P     OP2    sing N N 140 
DT  P     "O5'"  sing N N 141 
DT  OP2   HOP2   sing N N 142 
DT  "O5'" "C5'"  sing N N 143 
DT  "C5'" "C4'"  sing N N 144 
DT  "C5'" "H5'"  sing N N 145 
DT  "C5'" "H5''" sing N N 146 
DT  "C4'" "O4'"  sing N N 147 
DT  "C4'" "C3'"  sing N N 148 
DT  "C4'" "H4'"  sing N N 149 
DT  "O4'" "C1'"  sing N N 150 
DT  "C3'" "O3'"  sing N N 151 
DT  "C3'" "C2'"  sing N N 152 
DT  "C3'" "H3'"  sing N N 153 
DT  "O3'" "HO3'" sing N N 154 
DT  "C2'" "C1'"  sing N N 155 
DT  "C2'" "H2'"  sing N N 156 
DT  "C2'" "H2''" sing N N 157 
DT  "C1'" N1     sing N N 158 
DT  "C1'" "H1'"  sing N N 159 
DT  N1    C2     sing N N 160 
DT  N1    C6     sing N N 161 
DT  C2    O2     doub N N 162 
DT  C2    N3     sing N N 163 
DT  N3    C4     sing N N 164 
DT  N3    H3     sing N N 165 
DT  C4    O4     doub N N 166 
DT  C4    C5     sing N N 167 
DT  C5    C7     sing N N 168 
DT  C5    C6     doub N N 169 
DT  C7    H71    sing N N 170 
DT  C7    H72    sing N N 171 
DT  C7    H73    sing N N 172 
DT  C6    H6     sing N N 173 
# 
loop_
_ndb_struct_conf_na.entry_id 
_ndb_struct_conf_na.feature 
2K0U 'double helix'        
2K0U 'b-form double helix' 
# 
loop_
_ndb_struct_na_base_pair.model_number 
_ndb_struct_na_base_pair.i_label_asym_id 
_ndb_struct_na_base_pair.i_label_comp_id 
_ndb_struct_na_base_pair.i_label_seq_id 
_ndb_struct_na_base_pair.i_symmetry 
_ndb_struct_na_base_pair.j_label_asym_id 
_ndb_struct_na_base_pair.j_label_comp_id 
_ndb_struct_na_base_pair.j_label_seq_id 
_ndb_struct_na_base_pair.j_symmetry 
_ndb_struct_na_base_pair.shear 
_ndb_struct_na_base_pair.stretch 
_ndb_struct_na_base_pair.stagger 
_ndb_struct_na_base_pair.buckle 
_ndb_struct_na_base_pair.propeller 
_ndb_struct_na_base_pair.opening 
_ndb_struct_na_base_pair.pair_number 
_ndb_struct_na_base_pair.pair_name 
_ndb_struct_na_base_pair.i_auth_asym_id 
_ndb_struct_na_base_pair.i_auth_seq_id 
_ndb_struct_na_base_pair.i_PDB_ins_code 
_ndb_struct_na_base_pair.j_auth_asym_id 
_ndb_struct_na_base_pair.j_auth_seq_id 
_ndb_struct_na_base_pair.j_PDB_ins_code 
_ndb_struct_na_base_pair.hbond_type_28 
_ndb_struct_na_base_pair.hbond_type_12 
1 A DC 1  1_555 B DG 12 1_555 0.510  -0.296 0.012  -0.166 0.384  2.181  1  A_DC1:DG24_B  A 1  ? B 24 ? 19 1 
1 A DC 2  1_555 B DG 11 1_555 0.331  -0.267 -0.036 -1.877 0.150  2.398  2  A_DC2:DG23_B  A 2  ? B 23 ? 19 1 
1 A DT 3  1_555 B DA 10 1_555 -0.070 -0.258 -0.021 2.152  -1.241 -1.753 3  A_DT3:DA22_B  A 3  ? B 22 ? 20 1 
1 A DC 4  1_555 B DG 9  1_555 0.354  -0.281 0.057  -0.049 -0.533 -1.459 4  A_DC4:DG21_B  A 4  ? B 21 ? 19 1 
1 A DT 5  1_555 B DA 8  1_555 -0.039 -0.139 0.024  -2.038 -0.853 -9.425 5  A_DT5:DA20_B  A 5  ? B 20 ? 20 1 
1 A DG 6  1_555 B DC 7  1_555 -0.115 -0.285 0.129  6.902  -5.165 1.558  6  A_DG6:DC19_B  A 6  ? B 19 ? 19 1 
1 A DG 7  1_555 B DC 6  1_555 -0.442 -0.393 -0.139 -6.781 3.047  0.409  7  A_DG7:DC18_B  A 7  ? B 18 ? 19 1 
1 A DT 8  1_555 B DA 5  1_555 -0.141 -0.267 -0.059 -1.779 1.395  -2.212 8  A_DT8:DA17_B  A 8  ? B 17 ? 20 1 
1 A DC 9  1_555 B DG 4  1_555 0.273  -0.213 -0.065 -0.402 0.421  3.528  9  A_DC9:DG16_B  A 9  ? B 16 ? 19 1 
1 A DT 10 1_555 B DA 3  1_555 -0.141 -0.275 0.166  -3.057 -2.766 -2.353 10 A_DT10:DA15_B A 10 ? B 15 ? 20 1 
1 A DC 11 1_555 B DG 2  1_555 0.118  -0.183 -0.092 -0.175 -1.939 0.926  11 A_DC11:DG14_B A 11 ? B 14 ? 19 1 
1 A DC 12 1_555 B DG 1  1_555 0.278  -0.320 0.075  0.672  -1.822 1.345  12 A_DC12:DG13_B A 12 ? B 13 ? 19 1 
# 
loop_
_ndb_struct_na_base_pair_step.model_number 
_ndb_struct_na_base_pair_step.i_label_asym_id_1 
_ndb_struct_na_base_pair_step.i_label_comp_id_1 
_ndb_struct_na_base_pair_step.i_label_seq_id_1 
_ndb_struct_na_base_pair_step.i_symmetry_1 
_ndb_struct_na_base_pair_step.j_label_asym_id_1 
_ndb_struct_na_base_pair_step.j_label_comp_id_1 
_ndb_struct_na_base_pair_step.j_label_seq_id_1 
_ndb_struct_na_base_pair_step.j_symmetry_1 
_ndb_struct_na_base_pair_step.i_label_asym_id_2 
_ndb_struct_na_base_pair_step.i_label_comp_id_2 
_ndb_struct_na_base_pair_step.i_label_seq_id_2 
_ndb_struct_na_base_pair_step.i_symmetry_2 
_ndb_struct_na_base_pair_step.j_label_asym_id_2 
_ndb_struct_na_base_pair_step.j_label_comp_id_2 
_ndb_struct_na_base_pair_step.j_label_seq_id_2 
_ndb_struct_na_base_pair_step.j_symmetry_2 
_ndb_struct_na_base_pair_step.shift 
_ndb_struct_na_base_pair_step.slide 
_ndb_struct_na_base_pair_step.rise 
_ndb_struct_na_base_pair_step.tilt 
_ndb_struct_na_base_pair_step.roll 
_ndb_struct_na_base_pair_step.twist 
_ndb_struct_na_base_pair_step.x_displacement 
_ndb_struct_na_base_pair_step.y_displacement 
_ndb_struct_na_base_pair_step.helical_rise 
_ndb_struct_na_base_pair_step.inclination 
_ndb_struct_na_base_pair_step.tip 
_ndb_struct_na_base_pair_step.helical_twist 
_ndb_struct_na_base_pair_step.step_number 
_ndb_struct_na_base_pair_step.step_name 
_ndb_struct_na_base_pair_step.i_auth_asym_id_1 
_ndb_struct_na_base_pair_step.i_auth_seq_id_1 
_ndb_struct_na_base_pair_step.i_PDB_ins_code_1 
_ndb_struct_na_base_pair_step.j_auth_asym_id_1 
_ndb_struct_na_base_pair_step.j_auth_seq_id_1 
_ndb_struct_na_base_pair_step.j_PDB_ins_code_1 
_ndb_struct_na_base_pair_step.i_auth_asym_id_2 
_ndb_struct_na_base_pair_step.i_auth_seq_id_2 
_ndb_struct_na_base_pair_step.i_PDB_ins_code_2 
_ndb_struct_na_base_pair_step.j_auth_asym_id_2 
_ndb_struct_na_base_pair_step.j_auth_seq_id_2 
_ndb_struct_na_base_pair_step.j_PDB_ins_code_2 
1 A DC 1  1_555 B DG 12 1_555 A DC 2  1_555 B DG 11 1_555 -0.517 0.580  5.230 -8.299 -4.968  32.546 2.276  -1.256 5.065 -8.629  
14.416 33.916 1  AA_DC1DC2:DG23DG24_BB   A 1  ? B 24 ? A 2  ? B 23 ? 
1 A DC 2  1_555 B DG 11 1_555 A DT 3  1_555 B DA 10 1_555 0.074  -0.089 3.698 0.043  15.857  18.838 -5.715 -0.160 2.786 40.398  
-0.109 24.578 2  AA_DC2DT3:DA22DG23_BB   A 2  ? B 23 ? A 3  ? B 22 ? 
1 A DT 3  1_555 B DA 10 1_555 A DC 4  1_555 B DG 9  1_555 -0.751 -0.292 3.704 2.033  29.262  34.293 -3.354 1.191  2.646 41.496  
-2.883 44.838 3  AA_DT3DC4:DG21DA22_BB   A 3  ? B 22 ? A 4  ? B 21 ? 
1 A DC 4  1_555 B DG 9  1_555 A DT 5  1_555 B DA 8  1_555 0.144  1.343  3.863 4.114  -14.755 40.118 3.486  0.262  3.199 -20.622 
-5.750 42.830 4  AA_DC4DT5:DA20DG21_BB   A 4  ? B 21 ? A 5  ? B 20 ? 
1 A DT 5  1_555 B DA 8  1_555 A DG 6  1_555 B DC 7  1_555 -0.480 1.632  3.536 -3.711 -10.280 36.315 3.865  0.252  3.013 -16.051 
5.794  37.871 5  AA_DT5DG6:DC19DA20_BB   A 5  ? B 20 ? A 6  ? B 19 ? 
1 A DG 6  1_555 B DC 7  1_555 A DG 7  1_555 B DC 6  1_555 0.398  -0.849 4.066 -4.483 52.289  24.929 -4.131 -0.691 1.032 66.111  
5.668  57.719 6  AA_DG6DG7:DC18DC19_BB   A 6  ? B 19 ? A 7  ? B 18 ? 
1 A DG 7  1_555 B DC 6  1_555 A DT 8  1_555 B DA 5  1_555 -0.228 -0.657 3.996 3.102  -11.687 33.317 1.081  0.950  3.961 -19.599 
-5.203 35.385 7  AA_DG7DT8:DA17DC18_BB   A 7  ? B 18 ? A 8  ? B 17 ? 
1 A DT 8  1_555 B DA 5  1_555 A DC 9  1_555 B DG 4  1_555 -0.651 -0.007 3.480 -1.412 8.545   32.717 -1.487 0.875  3.395 14.847  
2.453  33.814 8  AA_DT8DC9:DG16DA17_BB   A 8  ? B 17 ? A 9  ? B 16 ? 
1 A DC 9  1_555 B DG 4  1_555 A DT 10 1_555 B DA 3  1_555 -1.140 0.731  4.165 0.729  25.507  23.681 -4.204 2.068  3.374 47.798  
-1.367 34.679 9  AA_DC9DT10:DA15DG16_BB  A 9  ? B 16 ? A 10 ? B 15 ? 
1 A DT 10 1_555 B DA 3  1_555 A DC 11 1_555 B DG 2  1_555 0.990  -0.020 3.403 4.428  11.218  28.643 -2.334 -0.943 3.279 21.509  
-8.491 31.030 10 AA_DT10DC11:DG14DA15_BB A 10 ? B 15 ? A 11 ? B 14 ? 
1 A DC 11 1_555 B DG 2  1_555 A DC 12 1_555 B DG 1  1_555 -1.734 1.919  3.412 2.389  24.890  4.739  -6.419 4.972  2.354 79.075  
-7.591 25.442 11 AA_DC11DC12:DG13DG14_BB A 11 ? B 14 ? A 12 ? B 13 ? 
# 
_pdbx_nmr_spectrometer.field_strength    700 
_pdbx_nmr_spectrometer.manufacturer      Varian 
_pdbx_nmr_spectrometer.model             UNITY 
_pdbx_nmr_spectrometer.spectrometer_id   1 
_pdbx_nmr_spectrometer.type              'Varian Unity' 
# 
_atom_sites.entry_id                    2K0U 
_atom_sites.fract_transf_matrix[1][1]   1.000000 
_atom_sites.fract_transf_matrix[1][2]   0.000000 
_atom_sites.fract_transf_matrix[1][3]   0.000000 
_atom_sites.fract_transf_matrix[2][1]   0.000000 
_atom_sites.fract_transf_matrix[2][2]   1.000000 
_atom_sites.fract_transf_matrix[2][3]   0.000000 
_atom_sites.fract_transf_matrix[3][1]   0.000000 
_atom_sites.fract_transf_matrix[3][2]   0.000000 
_atom_sites.fract_transf_matrix[3][3]   1.000000 
_atom_sites.fract_transf_vector[1]      0.00000 
_atom_sites.fract_transf_vector[2]      0.00000 
_atom_sites.fract_transf_vector[3]      0.00000 
# 
loop_
_atom_type.symbol 
C  
H  
N  
O  
P  
PT 
# 
loop_
_atom_site.group_PDB 
_atom_site.id 
_atom_site.type_symbol 
_atom_site.label_atom_id 
_atom_site.label_alt_id 
_atom_site.label_comp_id 
_atom_site.label_asym_id 
_atom_site.label_entity_id 
_atom_site.label_seq_id 
_atom_site.pdbx_PDB_ins_code 
_atom_site.Cartn_x 
_atom_site.Cartn_y 
_atom_site.Cartn_z 
_atom_site.occupancy 
_atom_site.B_iso_or_equiv 
_atom_site.pdbx_formal_charge 
_atom_site.auth_seq_id 
_atom_site.auth_comp_id 
_atom_site.auth_asym_id 
_atom_site.auth_atom_id 
_atom_site.pdbx_PDB_model_num 
ATOM   1   O  "O5'"  . DC  A 1 1  ? 20.064  5.148   8.980   1.00 2.17 ? 1  DC  A "O5'"  1 
ATOM   2   C  "C5'"  . DC  A 1 1  ? 19.739  3.998   9.767   1.00 2.13 ? 1  DC  A "C5'"  1 
ATOM   3   C  "C4'"  . DC  A 1 1  ? 18.450  4.208   10.527  1.00 1.90 ? 1  DC  A "C4'"  1 
ATOM   4   O  "O4'"  . DC  A 1 1  ? 18.300  5.611   10.820  1.00 1.85 ? 1  DC  A "O4'"  1 
ATOM   5   C  "C3'"  . DC  A 1 1  ? 17.182  3.821   9.770   1.00 1.72 ? 1  DC  A "C3'"  1 
ATOM   6   O  "O3'"  . DC  A 1 1  ? 16.785  2.492   10.126  1.00 1.68 ? 1  DC  A "O3'"  1 
ATOM   7   C  "C2'"  . DC  A 1 1  ? 16.144  4.833   10.243  1.00 1.51 ? 1  DC  A "C2'"  1 
ATOM   8   C  "C1'"  . DC  A 1 1  ? 16.928  5.888   11.019  1.00 1.62 ? 1  DC  A "C1'"  1 
ATOM   9   N  N1     . DC  A 1 1  ? 16.682  7.275   10.588  1.00 1.54 ? 1  DC  A N1     1 
ATOM   10  C  C2     . DC  A 1 1  ? 15.985  8.134   11.442  1.00 1.42 ? 1  DC  A C2     1 
ATOM   11  O  O2     . DC  A 1 1  ? 15.582  7.703   12.533  1.00 1.39 ? 1  DC  A O2     1 
ATOM   12  N  N3     . DC  A 1 1  ? 15.765  9.414   11.058  1.00 1.35 ? 1  DC  A N3     1 
ATOM   13  C  C4     . DC  A 1 1  ? 16.209  9.839   9.873   1.00 1.41 ? 1  DC  A C4     1 
ATOM   14  N  N4     . DC  A 1 1  ? 15.971  11.108  9.537   1.00 1.34 ? 1  DC  A N4     1 
ATOM   15  C  C5     . DC  A 1 1  ? 16.916  8.983   8.980   1.00 1.56 ? 1  DC  A C5     1 
ATOM   16  C  C6     . DC  A 1 1  ? 17.129  7.721   9.375   1.00 1.62 ? 1  DC  A C6     1 
ATOM   17  H  "H5'"  . DC  A 1 1  ? 20.543  3.805   10.477  1.00 2.26 ? 1  DC  A "H5'"  1 
ATOM   18  H  "H5''" . DC  A 1 1  ? 19.627  3.131   9.114   1.00 2.15 ? 1  DC  A "H5''" 1 
ATOM   19  H  "H4'"  . DC  A 1 1  ? 18.486  3.583   11.421  1.00 1.92 ? 1  DC  A "H4'"  1 
ATOM   20  H  "H3'"  . DC  A 1 1  ? 17.337  3.870   8.693   1.00 1.77 ? 1  DC  A "H3'"  1 
ATOM   21  H  "H2'"  . DC  A 1 1  ? 15.597  5.261   9.404   1.00 1.42 ? 1  DC  A "H2'"  1 
ATOM   22  H  "H2''" . DC  A 1 1  ? 15.415  4.370   10.909  1.00 1.40 ? 1  DC  A "H2''" 1 
ATOM   23  H  "H1'"  . DC  A 1 1  ? 16.724  5.818   12.089  1.00 1.60 ? 1  DC  A "H1'"  1 
ATOM   24  H  H41    . DC  A 1 1  ? 16.290  11.468  8.649   1.00 1.39 ? 1  DC  A H41    1 
ATOM   25  H  H42    . DC  A 1 1  ? 15.471  11.712  10.174  1.00 1.25 ? 1  DC  A H42    1 
ATOM   26  H  H5     . DC  A 1 1  ? 17.270  9.341   8.013   1.00 1.63 ? 1  DC  A H5     1 
ATOM   27  H  H6     . DC  A 1 1  ? 17.671  7.041   8.717   1.00 1.74 ? 1  DC  A H6     1 
ATOM   28  H  "HO5'" . DC  A 1 1  ? 19.508  5.865   9.299   1.00 2.06 ? 1  DC  A "HO5'" 1 
ATOM   29  P  P      . DC  A 1 2  ? 15.684  1.719   9.243   1.00 1.56 ? 2  DC  A P      1 
ATOM   30  O  OP1    . DC  A 1 2  ? 16.251  0.411   8.830   1.00 1.71 ? 2  DC  A OP1    1 
ATOM   31  O  OP2    . DC  A 1 2  ? 15.187  2.663   8.208   1.00 1.49 ? 2  DC  A OP2    1 
ATOM   32  O  "O5'"  . DC  A 1 2  ? 14.493  1.447   10.265  1.00 1.34 ? 2  DC  A "O5'"  1 
ATOM   33  C  "C5'"  . DC  A 1 2  ? 14.749  1.251   11.658  1.00 1.37 ? 2  DC  A "C5'"  1 
ATOM   34  C  "C4'"  . DC  A 1 2  ? 13.514  1.570   12.466  1.00 1.15 ? 2  DC  A "C4'"  1 
ATOM   35  O  "O4'"  . DC  A 1 2  ? 13.497  2.983   12.775  1.00 1.07 ? 2  DC  A "O4'"  1 
ATOM   36  C  "C3'"  . DC  A 1 2  ? 12.188  1.307   11.757  1.00 0.93 ? 2  DC  A "C3'"  1 
ATOM   37  O  "O3'"  . DC  A 1 2  ? 11.755  -0.038  11.983  1.00 0.95 ? 2  DC  A "O3'"  1 
ATOM   38  C  "C2'"  . DC  A 1 2  ? 11.260  2.301   12.427  1.00 0.72 ? 2  DC  A "C2'"  1 
ATOM   39  C  "C1'"  . DC  A 1 2  ? 12.178  3.500   12.624  1.00 0.82 ? 2  DC  A "C1'"  1 
ATOM   40  N  N1     . DC  A 1 2  ? 12.187  4.447   11.497  1.00 0.76 ? 2  DC  A N1     1 
ATOM   41  C  C2     . DC  A 1 2  ? 11.468  5.638   11.614  1.00 0.58 ? 2  DC  A C2     1 
ATOM   42  O  O2     . DC  A 1 2  ? 10.846  5.860   12.663  1.00 0.54 ? 2  DC  A O2     1 
ATOM   43  N  N3     . DC  A 1 2  ? 11.468  6.516   10.586  1.00 0.53 ? 2  DC  A N3     1 
ATOM   44  C  C4     . DC  A 1 2  ? 12.151  6.238   9.473   1.00 0.70 ? 2  DC  A C4     1 
ATOM   45  N  N4     . DC  A 1 2  ? 12.120  7.129   8.483   1.00 0.71 ? 2  DC  A N4     1 
ATOM   46  C  C5     . DC  A 1 2  ? 12.894  5.031   9.326   1.00 0.90 ? 2  DC  A C5     1 
ATOM   47  C  C6     . DC  A 1 2  ? 12.884  4.172   10.352  1.00 0.91 ? 2  DC  A C6     1 
ATOM   48  H  "H5'"  . DC  A 1 2  ? 15.562  1.903   11.977  1.00 1.46 ? 2  DC  A "H5'"  1 
ATOM   49  H  "H5''" . DC  A 1 2  ? 15.033  0.213   11.834  1.00 1.49 ? 2  DC  A "H5''" 1 
ATOM   50  H  "H4'"  . DC  A 1 2  ? 13.526  0.936   13.354  1.00 1.21 ? 2  DC  A "H4'"  1 
ATOM   51  H  "H3'"  . DC  A 1 2  ? 12.274  1.487   10.686  1.00 0.96 ? 2  DC  A "H3'"  1 
ATOM   52  H  "H2'"  . DC  A 1 2  ? 10.406  2.536   11.794  1.00 0.55 ? 2  DC  A "H2'"  1 
ATOM   53  H  "H2''" . DC  A 1 2  ? 10.874  1.912   13.369  1.00 0.71 ? 2  DC  A "H2''" 1 
ATOM   54  H  "H1'"  . DC  A 1 2  ? 11.921  4.043   13.535  1.00 0.82 ? 2  DC  A "H1'"  1 
ATOM   55  H  H41    . DC  A 1 2  ? 12.622  6.955   7.624   1.00 0.87 ? 2  DC  A H41    1 
ATOM   56  H  H42    . DC  A 1 2  ? 11.590  7.983   8.592   1.00 0.57 ? 2  DC  A H42    1 
ATOM   57  H  H5     . DC  A 1 2  ? 13.453  4.819   8.414   1.00 1.07 ? 2  DC  A H5     1 
ATOM   58  H  H6     . DC  A 1 2  ? 13.442  3.240   10.273  1.00 1.06 ? 2  DC  A H6     1 
ATOM   59  P  P      . DT  A 1 3  ? 11.276  -0.943  10.741  1.00 0.99 ? 3  DT  A P      1 
ATOM   60  O  OP1    . DT  A 1 3  ? 11.677  -2.346  11.010  1.00 1.17 ? 3  DT  A OP1    1 
ATOM   61  O  OP2    . DT  A 1 3  ? 11.722  -0.280  9.488   1.00 1.04 ? 3  DT  A OP2    1 
ATOM   62  O  "O5'"  . DT  A 1 3  ? 9.685   -0.859  10.795  1.00 0.76 ? 3  DT  A "O5'"  1 
ATOM   63  C  "C5'"  . DT  A 1 3  ? 8.976   -1.096  12.012  1.00 0.59 ? 3  DT  A "C5'"  1 
ATOM   64  C  "C4'"  . DT  A 1 3  ? 7.942   -0.017  12.232  1.00 0.33 ? 3  DT  A "C4'"  1 
ATOM   65  O  "O4'"  . DT  A 1 3  ? 8.551   1.278   12.041  1.00 0.33 ? 3  DT  A "O4'"  1 
ATOM   66  C  "C3'"  . DT  A 1 3  ? 6.768   -0.036  11.259  1.00 0.37 ? 3  DT  A "C3'"  1 
ATOM   67  O  "O3'"  . DT  A 1 3  ? 5.734   -0.900  11.741  1.00 0.34 ? 3  DT  A "O3'"  1 
ATOM   68  C  "C2'"  . DT  A 1 3  ? 6.307   1.412   11.260  1.00 0.37 ? 3  DT  A "C2'"  1 
ATOM   69  C  "C1'"  . DT  A 1 3  ? 7.566   2.208   11.609  1.00 0.22 ? 3  DT  A "C1'"  1 
ATOM   70  N  N1     . DT  A 1 3  ? 8.126   2.982   10.480  1.00 0.33 ? 3  DT  A N1     1 
ATOM   71  C  C2     . DT  A 1 3  ? 7.608   4.236   10.247  1.00 0.32 ? 3  DT  A C2     1 
ATOM   72  O  O2     . DT  A 1 3  ? 6.715   4.722   10.921  1.00 0.37 ? 3  DT  A O2     1 
ATOM   73  N  N3     . DT  A 1 3  ? 8.172   4.902   9.193   1.00 0.44 ? 3  DT  A N3     1 
ATOM   74  C  C4     . DT  A 1 3  ? 9.177   4.452   8.364   1.00 0.63 ? 3  DT  A C4     1 
ATOM   75  O  O4     . DT  A 1 3  ? 9.586   5.170   7.456   1.00 0.76 ? 3  DT  A O4     1 
ATOM   76  C  C5     . DT  A 1 3  ? 9.674   3.126   8.661   1.00 0.70 ? 3  DT  A C5     1 
ATOM   77  C  C7     . DT  A 1 3  ? 10.740  2.539   7.790   1.00 0.97 ? 3  DT  A C7     1 
ATOM   78  C  C6     . DT  A 1 3  ? 9.134   2.462   9.692   1.00 0.55 ? 3  DT  A C6     1 
ATOM   79  H  "H5'"  . DT  A 1 3  ? 9.673   -1.097  12.850  1.00 0.68 ? 3  DT  A "H5'"  1 
ATOM   80  H  "H5''" . DT  A 1 3  ? 8.477   -2.063  11.962  1.00 0.62 ? 3  DT  A "H5''" 1 
ATOM   81  H  "H4'"  . DT  A 1 3  ? 7.525   -0.155  13.233  1.00 0.27 ? 3  DT  A "H4'"  1 
ATOM   82  H  "H3'"  . DT  A 1 3  ? 7.084   -0.364  10.269  1.00 0.58 ? 3  DT  A "H3'"  1 
ATOM   83  H  "H2'"  . DT  A 1 3  ? 5.894   1.697   10.294  1.00 0.58 ? 3  DT  A "H2'"  1 
ATOM   84  H  "H2''" . DT  A 1 3  ? 5.534   1.580   12.009  1.00 0.41 ? 3  DT  A "H2''" 1 
ATOM   85  H  "H1'"  . DT  A 1 3  ? 7.373   2.896   12.433  1.00 0.23 ? 3  DT  A "H1'"  1 
ATOM   86  H  H3     . DT  A 1 3  ? 7.825   5.835   9.014   1.00 0.46 ? 3  DT  A H3     1 
ATOM   87  H  H71    . DT  A 1 3  ? 10.356  1.644   7.299   1.00 1.07 ? 3  DT  A H71    1 
ATOM   88  H  H72    . DT  A 1 3  ? 11.604  2.275   8.400   1.00 1.01 ? 3  DT  A H72    1 
ATOM   89  H  H73    . DT  A 1 3  ? 11.036  3.267   7.034   1.00 1.06 ? 3  DT  A H73    1 
ATOM   90  H  H6     . DT  A 1 3  ? 9.509   1.465   9.919   1.00 0.63 ? 3  DT  A H6     1 
ATOM   91  P  P      . DC  A 1 4  ? 4.651   -1.501  10.714  1.00 0.20 ? 4  DC  A P      1 
ATOM   92  O  OP1    . DC  A 1 4  ? 3.853   -2.512  11.453  1.00 0.27 ? 4  DC  A OP1    1 
ATOM   93  O  OP2    . DC  A 1 4  ? 5.351   -1.891  9.463   1.00 0.20 ? 4  DC  A OP2    1 
ATOM   94  O  "O5'"  . DC  A 1 4  ? 3.703   -0.263  10.383  1.00 0.26 ? 4  DC  A "O5'"  1 
ATOM   95  C  "C5'"  . DC  A 1 4  ? 2.826   0.279   11.373  1.00 0.26 ? 4  DC  A "C5'"  1 
ATOM   96  C  "C4'"  . DC  A 1 4  ? 1.643   0.950   10.711  1.00 0.25 ? 4  DC  A "C4'"  1 
ATOM   97  O  "O4'"  . DC  A 1 4  ? 2.102   2.137   10.023  1.00 0.26 ? 4  DC  A "O4'"  1 
ATOM   98  C  "C3'"  . DC  A 1 4  ? 0.931   0.110   9.654   1.00 0.20 ? 4  DC  A "C3'"  1 
ATOM   99  O  "O3'"  . DC  A 1 4  ? -0.461  0.443   9.606   1.00 0.23 ? 4  DC  A "O3'"  1 
ATOM   100 C  "C2'"  . DC  A 1 4  ? 1.625   0.513   8.366   1.00 0.15 ? 4  DC  A "C2'"  1 
ATOM   101 C  "C1'"  . DC  A 1 4  ? 2.024   1.962   8.614   1.00 0.22 ? 4  DC  A "C1'"  1 
ATOM   102 N  N1     . DC  A 1 4  ? 3.329   2.339   8.045   1.00 0.24 ? 4  DC  A N1     1 
ATOM   103 C  C2     . DC  A 1 4  ? 3.444   3.550   7.351   1.00 0.31 ? 4  DC  A C2     1 
ATOM   104 O  O2     . DC  A 1 4  ? 2.441   4.269   7.224   1.00 0.34 ? 4  DC  A O2     1 
ATOM   105 N  N3     . DC  A 1 4  ? 4.643   3.903   6.835   1.00 0.36 ? 4  DC  A N3     1 
ATOM   106 C  C4     . DC  A 1 4  ? 5.698   3.099   6.987   1.00 0.33 ? 4  DC  A C4     1 
ATOM   107 N  N4     . DC  A 1 4  ? 6.859   3.487   6.461   1.00 0.40 ? 4  DC  A N4     1 
ATOM   108 C  C5     . DC  A 1 4  ? 5.608   1.860   7.685   1.00 0.26 ? 4  DC  A C5     1 
ATOM   109 C  C6     . DC  A 1 4  ? 4.416   1.524   8.193   1.00 0.21 ? 4  DC  A C6     1 
ATOM   110 H  "H5'"  . DC  A 1 4  ? 3.361   1.014   11.973  1.00 0.25 ? 4  DC  A "H5'"  1 
ATOM   111 H  "H5''" . DC  A 1 4  ? 2.465   -0.519  12.022  1.00 0.26 ? 4  DC  A "H5''" 1 
ATOM   112 H  "H4'"  . DC  A 1 4  ? 0.908   1.162   11.489  1.00 0.29 ? 4  DC  A "H4'"  1 
ATOM   113 H  "H3'"  . DC  A 1 4  ? 1.040   -0.954  9.859   1.00 0.18 ? 4  DC  A "H3'"  1 
ATOM   114 H  "H2'"  . DC  A 1 4  ? 2.486   -0.124  8.163   1.00 0.12 ? 4  DC  A "H2'"  1 
ATOM   115 H  "H2''" . DC  A 1 4  ? 0.951   0.435   7.513   1.00 0.12 ? 4  DC  A "H2''" 1 
ATOM   116 H  "H1'"  . DC  A 1 4  ? 1.268   2.647   8.230   1.00 0.25 ? 4  DC  A "H1'"  1 
ATOM   117 H  H41    . DC  A 1 4  ? 7.683   2.908   6.553   1.00 0.39 ? 4  DC  A H41    1 
ATOM   118 H  H42    . DC  A 1 4  ? 6.918   4.364   5.966   1.00 0.45 ? 4  DC  A H42    1 
ATOM   119 H  H5     . DC  A 1 4  ? 6.475   1.210   7.797   1.00 0.25 ? 4  DC  A H5     1 
ATOM   120 H  H6     . DC  A 1 4  ? 4.315   0.585   8.736   1.00 0.17 ? 4  DC  A H6     1 
ATOM   121 P  P      . DT  A 1 5  ? -1.509  -0.595  8.961   1.00 0.24 ? 5  DT  A P      1 
ATOM   122 O  OP1    . DT  A 1 5  ? -2.327  -1.173  10.057  1.00 0.34 ? 5  DT  A OP1    1 
ATOM   123 O  OP2    . DT  A 1 5  ? -0.753  -1.498  8.054   1.00 0.16 ? 5  DT  A OP2    1 
ATOM   124 O  "O5'"  . DT  A 1 5  ? -2.451  0.320   8.058   1.00 0.25 ? 5  DT  A "O5'"  1 
ATOM   125 C  "C5'"  . DT  A 1 5  ? -2.993  1.543   8.564   1.00 0.37 ? 5  DT  A "C5'"  1 
ATOM   126 C  "C4'"  . DT  A 1 5  ? -3.050  2.582   7.468   1.00 0.33 ? 5  DT  A "C4'"  1 
ATOM   127 O  "O4'"  . DT  A 1 5  ? -1.714  2.783   6.947   1.00 0.27 ? 5  DT  A "O4'"  1 
ATOM   128 C  "C3'"  . DT  A 1 5  ? -3.931  2.210   6.272   1.00 0.29 ? 5  DT  A "C3'"  1 
ATOM   129 O  "O3'"  . DT  A 1 5  ? -4.767  3.315   5.912   1.00 0.30 ? 5  DT  A "O3'"  1 
ATOM   130 C  "C2'"  . DT  A 1 5  ? -2.943  1.901   5.160   1.00 0.18 ? 5  DT  A "C2'"  1 
ATOM   131 C  "C1'"  . DT  A 1 5  ? -1.726  2.725   5.534   1.00 0.20 ? 5  DT  A "C1'"  1 
ATOM   132 N  N1     . DT  A 1 5  ? -0.437  2.155   5.094   1.00 0.18 ? 5  DT  A N1     1 
ATOM   133 C  C2     . DT  A 1 5  ? 0.454   2.975   4.439   1.00 0.28 ? 5  DT  A C2     1 
ATOM   134 O  O2     . DT  A 1 5  ? 0.227   4.148   4.193   1.00 0.32 ? 5  DT  A O2     1 
ATOM   135 N  N3     . DT  A 1 5  ? 1.628   2.370   4.077   1.00 0.36 ? 5  DT  A N3     1 
ATOM   136 C  C4     . DT  A 1 5  ? 1.988   1.057   4.294   1.00 0.37 ? 5  DT  A C4     1 
ATOM   137 O  O4     . DT  A 1 5  ? 3.074   0.650   3.898   1.00 0.49 ? 5  DT  A O4     1 
ATOM   138 C  C5     . DT  A 1 5  ? 1.008   0.251   4.983   1.00 0.26 ? 5  DT  A C5     1 
ATOM   139 C  C7     . DT  A 1 5  ? 1.322   -1.183  5.270   1.00 0.30 ? 5  DT  A C7     1 
ATOM   140 C  C6     . DT  A 1 5  ? -0.145  0.830   5.347   1.00 0.16 ? 5  DT  A C6     1 
ATOM   141 H  "H5'"  . DT  A 1 5  ? -2.366  1.914   9.374   1.00 0.43 ? 5  DT  A "H5'"  1 
ATOM   142 H  "H5''" . DT  A 1 5  ? -4.000  1.368   8.943   1.00 0.52 ? 5  DT  A "H5''" 1 
ATOM   143 H  "H4'"  . DT  A 1 5  ? -3.482  3.487   7.900   1.00 0.40 ? 5  DT  A "H4'"  1 
ATOM   144 H  "H3'"  . DT  A 1 5  ? -4.559  1.349   6.503   1.00 0.35 ? 5  DT  A "H3'"  1 
ATOM   145 H  "H2'"  . DT  A 1 5  ? -2.720  0.836   5.111   1.00 0.11 ? 5  DT  A "H2'"  1 
ATOM   146 H  "H2''" . DT  A 1 5  ? -3.332  2.201   4.188   1.00 0.19 ? 5  DT  A "H2''" 1 
ATOM   147 H  "H1'"  . DT  A 1 5  ? -1.808  3.745   5.153   1.00 0.25 ? 5  DT  A "H1'"  1 
ATOM   148 H  H3     . DT  A 1 5  ? 2.302   2.951   3.600   1.00 0.44 ? 5  DT  A H3     1 
ATOM   149 H  H71    . DT  A 1 5  ? 1.194   -1.772  4.362   1.00 0.88 ? 5  DT  A H71    1 
ATOM   150 H  H72    . DT  A 1 5  ? 0.650   -1.556  6.042   1.00 1.09 ? 5  DT  A H72    1 
ATOM   151 H  H73    . DT  A 1 5  ? 2.353   -1.268  5.615   1.00 0.77 ? 5  DT  A H73    1 
ATOM   152 H  H6     . DT  A 1 5  ? -0.887  0.225   5.870   1.00 0.11 ? 5  DT  A H6     1 
ATOM   153 P  P      . DG  A 1 6  ? -6.165  3.048   5.164   1.00 0.29 ? 6  DG  A P      1 
ATOM   154 O  OP1    . DG  A 1 6  ? -7.269  3.276   6.130   1.00 0.28 ? 6  DG  A OP1    1 
ATOM   155 O  OP2    . DG  A 1 6  ? -6.056  1.737   4.470   1.00 0.29 ? 6  DG  A OP2    1 
ATOM   156 O  "O5'"  . DG  A 1 6  ? -6.228  4.179   4.044   1.00 0.32 ? 6  DG  A "O5'"  1 
ATOM   157 C  "C5'"  . DG  A 1 6  ? -6.586  5.523   4.373   1.00 0.47 ? 6  DG  A "C5'"  1 
ATOM   158 C  "C4'"  . DG  A 1 6  ? -5.979  6.484   3.378   1.00 0.42 ? 6  DG  A "C4'"  1 
ATOM   159 O  "O4'"  . DG  A 1 6  ? -4.536  6.470   3.522   1.00 0.35 ? 6  DG  A "O4'"  1 
ATOM   160 C  "C3'"  . DG  A 1 6  ? -6.232  6.140   1.913   1.00 0.37 ? 6  DG  A "C3'"  1 
ATOM   161 O  "O3'"  . DG  A 1 6  ? -7.433  6.760   1.437   1.00 0.44 ? 6  DG  A "O3'"  1 
ATOM   162 C  "C2'"  . DG  A 1 6  ? -5.010  6.718   1.227   1.00 0.28 ? 6  DG  A "C2'"  1 
ATOM   163 C  "C1'"  . DG  A 1 6  ? -3.922  6.416   2.239   1.00 0.26 ? 6  DG  A "C1'"  1 
ATOM   164 N  N9     . DG  A 1 6  ? -3.334  5.091   2.071   1.00 0.19 ? 6  DG  A N9     1 
ATOM   165 C  C8     . DG  A 1 6  ? -3.902  3.892   2.413   1.00 0.21 ? 6  DG  A C8     1 
ATOM   166 N  N7     . DG  A 1 6  ? -3.161  2.863   2.116   1.00 0.12 ? 6  DG  A N7     1 
ATOM   167 C  C5     . DG  A 1 6  ? -2.014  3.423   1.565   1.00 0.07 ? 6  DG  A C5     1 
ATOM   168 C  C6     . DG  A 1 6  ? -0.838  2.806   1.064   1.00 0.12 ? 6  DG  A C6     1 
ATOM   169 O  O6     . DG  A 1 6  ? -0.558  1.605   1.027   1.00 0.15 ? 6  DG  A O6     1 
ATOM   170 N  N1     . DG  A 1 6  ? 0.065   3.744   0.573   1.00 0.19 ? 6  DG  A N1     1 
ATOM   171 C  C2     . DG  A 1 6  ? -0.132  5.106   0.575   1.00 0.17 ? 6  DG  A C2     1 
ATOM   172 N  N2     . DG  A 1 6  ? 0.849   5.862   0.057   1.00 0.24 ? 6  DG  A N2     1 
ATOM   173 N  N3     . DG  A 1 6  ? -1.218  5.691   1.050   1.00 0.12 ? 6  DG  A N3     1 
ATOM   174 C  C4     . DG  A 1 6  ? -2.110  4.797   1.523   1.00 0.11 ? 6  DG  A C4     1 
ATOM   175 H  "H5'"  . DG  A 1 6  ? -6.221  5.767   5.371   1.00 0.54 ? 6  DG  A "H5'"  1 
ATOM   176 H  "H5''" . DG  A 1 6  ? -7.670  5.628   4.355   1.00 0.60 ? 6  DG  A "H5''" 1 
ATOM   177 H  "H4'"  . DG  A 1 6  ? -6.420  7.466   3.553   1.00 0.48 ? 6  DG  A "H4'"  1 
ATOM   178 H  "H3'"  . DG  A 1 6  ? -6.306  5.064   1.773   1.00 0.36 ? 6  DG  A "H3'"  1 
ATOM   179 H  "H2'"  . DG  A 1 6  ? -4.828  6.231   0.270   1.00 0.23 ? 6  DG  A "H2'"  1 
ATOM   180 H  "H2''" . DG  A 1 6  ? -5.128  7.785   1.035   1.00 0.29 ? 6  DG  A "H2''" 1 
ATOM   181 H  "H1'"  . DG  A 1 6  ? -3.128  7.162   2.206   1.00 0.25 ? 6  DG  A "H1'"  1 
ATOM   182 H  H8     . DG  A 1 6  ? -4.871  3.808   2.879   1.00 0.29 ? 6  DG  A H8     1 
ATOM   183 H  H1     . DG  A 1 6  ? 0.928   3.375   0.192   1.00 0.27 ? 6  DG  A H1     1 
ATOM   184 H  H21    . DG  A 1 6  ? 0.727   6.864   0.047   1.00 0.23 ? 6  DG  A H21    1 
ATOM   185 H  H22    . DG  A 1 6  ? 1.698   5.473   -0.336  1.00 0.32 ? 6  DG  A H22    1 
ATOM   186 P  P      . DG  A 1 7  ? -8.515  5.884   0.629   1.00 0.51 ? 7  DG  A P      1 
ATOM   187 O  OP1    . DG  A 1 7  ? -9.757  6.692   0.536   1.00 0.76 ? 7  DG  A OP1    1 
ATOM   188 O  OP2    . DG  A 1 7  ? -8.566  4.527   1.232   1.00 0.44 ? 7  DG  A OP2    1 
ATOM   189 O  "O5'"  . DG  A 1 7  ? -7.901  5.748   -0.836  1.00 0.51 ? 7  DG  A "O5'"  1 
ATOM   190 C  "C5'"  . DG  A 1 7  ? -7.088  6.783   -1.391  1.00 0.54 ? 7  DG  A "C5'"  1 
ATOM   191 C  "C4'"  . DG  A 1 7  ? -6.620  6.402   -2.777  1.00 0.56 ? 7  DG  A "C4'"  1 
ATOM   192 O  "O4'"  . DG  A 1 7  ? -5.361  5.695   -2.659  1.00 0.39 ? 7  DG  A "O4'"  1 
ATOM   193 C  "C3'"  . DG  A 1 7  ? -7.555  5.476   -3.557  1.00 0.74 ? 7  DG  A "C3'"  1 
ATOM   194 O  "O3'"  . DG  A 1 7  ? -7.559  5.835   -4.945  1.00 0.70 ? 7  DG  A "O3'"  1 
ATOM   195 C  "C2'"  . DG  A 1 7  ? -6.944  4.102   -3.354  1.00 0.96 ? 7  DG  A "C2'"  1 
ATOM   196 C  "C1'"  . DG  A 1 7  ? -5.462  4.404   -3.235  1.00 0.61 ? 7  DG  A "C1'"  1 
ATOM   197 N  N9     . DG  A 1 7  ? -4.730  3.476   -2.380  1.00 0.47 ? 7  DG  A N9     1 
ATOM   198 C  C8     . DG  A 1 7  ? -4.963  3.222   -1.053  1.00 0.36 ? 7  DG  A C8     1 
ATOM   199 N  N7     . DG  A 1 7  ? -4.148  2.335   -0.547  1.00 0.24 ? 7  DG  A N7     1 
ATOM   200 C  C5     . DG  A 1 7  ? -3.330  1.982   -1.610  1.00 0.31 ? 7  DG  A C5     1 
ATOM   201 C  C6     . DG  A 1 7  ? -2.258  1.060   -1.668  1.00 0.33 ? 7  DG  A C6     1 
ATOM   202 O  O6     . DG  A 1 7  ? -1.820  0.340   -0.768  1.00 0.26 ? 7  DG  A O6     1 
ATOM   203 N  N1     . DG  A 1 7  ? -1.686  1.018   -2.934  1.00 0.50 ? 7  DG  A N1     1 
ATOM   204 C  C2     . DG  A 1 7  ? -2.105  1.759   -4.012  1.00 0.61 ? 7  DG  A C2     1 
ATOM   205 N  N2     . DG  A 1 7  ? -1.434  1.575   -5.154  1.00 0.77 ? 7  DG  A N2     1 
ATOM   206 N  N3     . DG  A 1 7  ? -3.110  2.618   -3.972  1.00 0.59 ? 7  DG  A N3     1 
ATOM   207 C  C4     . DG  A 1 7  ? -3.671  2.680   -2.747  1.00 0.46 ? 7  DG  A C4     1 
ATOM   208 H  "H5'"  . DG  A 1 7  ? -6.219  6.941   -0.758  1.00 0.45 ? 7  DG  A "H5'"  1 
ATOM   209 H  "H5''" . DG  A 1 7  ? -7.661  7.708   -1.450  1.00 0.69 ? 7  DG  A "H5''" 1 
ATOM   210 H  "H4'"  . DG  A 1 7  ? -6.540  7.322   -3.358  1.00 0.68 ? 7  DG  A "H4'"  1 
ATOM   211 H  "H3'"  . DG  A 1 7  ? -8.572  5.530   -3.171  1.00 1.17 ? 7  DG  A "H3'"  1 
ATOM   212 H  "H2'"  . DG  A 1 7  ? -7.340  3.621   -2.459  1.00 1.47 ? 7  DG  A "H2'"  1 
ATOM   213 H  "H2''" . DG  A 1 7  ? -7.151  3.445   -4.199  1.00 1.13 ? 7  DG  A "H2''" 1 
ATOM   214 H  "H1'"  . DG  A 1 7  ? -4.984  4.431   -4.214  1.00 0.71 ? 7  DG  A "H1'"  1 
ATOM   215 H  H8     . DG  A 1 7  ? -5.742  3.709   -0.485  1.00 0.41 ? 7  DG  A H8     1 
ATOM   216 H  H1     . DG  A 1 7  ? -0.902  0.389   -3.058  1.00 0.56 ? 7  DG  A H1     1 
ATOM   217 H  H21    . DG  A 1 7  ? -1.696  2.092   -5.980  1.00 0.86 ? 7  DG  A H21    1 
ATOM   218 H  H22    . DG  A 1 7  ? -0.657  0.925   -5.191  1.00 0.81 ? 7  DG  A H22    1 
ATOM   219 P  P      . DT  A 1 8  ? -8.492  5.030   -5.980  1.00 0.91 ? 8  DT  A P      1 
ATOM   220 O  OP1    . DT  A 1 8  ? -8.963  6.006   -6.996  1.00 1.33 ? 8  DT  A OP1    1 
ATOM   221 O  OP2    . DT  A 1 8  ? -9.485  4.237   -5.210  1.00 1.15 ? 8  DT  A OP2    1 
ATOM   222 O  "O5'"  . DT  A 1 8  ? -7.491  4.018   -6.695  1.00 0.65 ? 8  DT  A "O5'"  1 
ATOM   223 C  "C5'"  . DT  A 1 8  ? -6.132  4.383   -6.946  1.00 0.77 ? 8  DT  A "C5'"  1 
ATOM   224 C  "C4'"  . DT  A 1 8  ? -5.489  3.405   -7.901  1.00 0.45 ? 8  DT  A "C4'"  1 
ATOM   225 O  "O4'"  . DT  A 1 8  ? -4.796  2.394   -7.130  1.00 0.34 ? 8  DT  A "O4'"  1 
ATOM   226 C  "C3'"  . DT  A 1 8  ? -6.452  2.647   -8.816  1.00 0.44 ? 8  DT  A "C3'"  1 
ATOM   227 O  "O3'"  . DT  A 1 8  ? -5.858  2.451   -10.104 1.00 0.34 ? 8  DT  A "O3'"  1 
ATOM   228 C  "C2'"  . DT  A 1 8  ? -6.642  1.319   -8.105  1.00 0.40 ? 8  DT  A "C2'"  1 
ATOM   229 C  "C1'"  . DT  A 1 8  ? -5.283  1.104   -7.461  1.00 0.13 ? 8  DT  A "C1'"  1 
ATOM   230 N  N1     . DT  A 1 8  ? -5.294  0.294   -6.226  1.00 0.16 ? 8  DT  A N1     1 
ATOM   231 C  C2     . DT  A 1 8  ? -4.258  -0.588  -6.028  1.00 0.16 ? 8  DT  A C2     1 
ATOM   232 O  O2     . DT  A 1 8  ? -3.341  -0.728  -6.819  1.00 0.15 ? 8  DT  A O2     1 
ATOM   233 N  N3     . DT  A 1 8  ? -4.331  -1.306  -4.866  1.00 0.24 ? 8  DT  A N3     1 
ATOM   234 C  C4     . DT  A 1 8  ? -5.315  -1.239  -3.905  1.00 0.31 ? 8  DT  A C4     1 
ATOM   235 O  O4     . DT  A 1 8  ? -5.233  -1.940  -2.899  1.00 0.38 ? 8  DT  A O4     1 
ATOM   236 C  C5     . DT  A 1 8  ? -6.379  -0.297  -4.172  1.00 0.32 ? 8  DT  A C5     1 
ATOM   237 C  C7     . DT  A 1 8  ? -7.510  -0.193  -3.195  1.00 0.42 ? 8  DT  A C7     1 
ATOM   238 C  C6     . DT  A 1 8  ? -6.316  0.426   -5.306  1.00 0.25 ? 8  DT  A C6     1 
ATOM   239 H  "H5'"  . DT  A 1 8  ? -5.577  4.381   -6.009  1.00 0.87 ? 8  DT  A "H5'"  1 
ATOM   240 H  "H5''" . DT  A 1 8  ? -6.095  5.382   -7.380  1.00 1.23 ? 8  DT  A "H5''" 1 
ATOM   241 H  "H4'"  . DT  A 1 8  ? -4.824  3.973   -8.553  1.00 0.42 ? 8  DT  A "H4'"  1 
ATOM   242 H  "H3'"  . DT  A 1 8  ? -7.393  3.186   -8.931  1.00 0.67 ? 8  DT  A "H3'"  1 
ATOM   243 H  "H2'"  . DT  A 1 8  ? -7.444  1.374   -7.371  1.00 0.57 ? 8  DT  A "H2'"  1 
ATOM   244 H  "H2''" . DT  A 1 8  ? -6.893  0.525   -8.807  1.00 0.48 ? 8  DT  A "H2''" 1 
ATOM   245 H  "H1'"  . DT  A 1 8  ? -4.584  0.652   -8.168  1.00 0.09 ? 8  DT  A "H1'"  1 
ATOM   246 H  H3     . DT  A 1 8  ? -3.574  -1.952  -4.693  1.00 0.28 ? 8  DT  A H3     1 
ATOM   247 H  H71    . DT  A 1 8  ? -7.530  0.807   -2.761  1.00 0.85 ? 8  DT  A H71    1 
ATOM   248 H  H72    . DT  A 1 8  ? -7.371  -0.928  -2.400  1.00 1.33 ? 8  DT  A H72    1 
ATOM   249 H  H73    . DT  A 1 8  ? -8.455  -0.388  -3.703  1.00 0.75 ? 8  DT  A H73    1 
ATOM   250 H  H6     . DT  A 1 8  ? -7.100  1.157   -5.506  1.00 0.30 ? 8  DT  A H6     1 
ATOM   251 P  P      . DC  A 1 9  ? -6.757  1.924   -11.328 1.00 0.53 ? 9  DC  A P      1 
ATOM   252 O  OP1    . DC  A 1 9  ? -6.533  2.852   -12.466 1.00 0.56 ? 9  DC  A OP1    1 
ATOM   253 O  OP2    . DC  A 1 9  ? -8.139  1.684   -10.840 1.00 0.71 ? 9  DC  A OP2    1 
ATOM   254 O  "O5'"  . DC  A 1 9  ? -6.113  0.515   -11.700 1.00 0.55 ? 9  DC  A "O5'"  1 
ATOM   255 C  "C5'"  . DC  A 1 9  ? -5.043  0.418   -12.643 1.00 0.66 ? 9  DC  A "C5'"  1 
ATOM   256 C  "C4'"  . DC  A 1 9  ? -4.488  -0.987  -12.659 1.00 0.68 ? 9  DC  A "C4'"  1 
ATOM   257 O  "O4'"  . DC  A 1 9  ? -4.077  -1.339  -11.322 1.00 0.70 ? 9  DC  A "O4'"  1 
ATOM   258 C  "C3'"  . DC  A 1 9  ? -5.484  -2.066  -13.071 1.00 0.67 ? 9  DC  A "C3'"  1 
ATOM   259 O  "O3'"  . DC  A 1 9  ? -5.390  -2.313  -14.480 1.00 0.68 ? 9  DC  A "O3'"  1 
ATOM   260 C  "C2'"  . DC  A 1 9  ? -5.035  -3.289  -12.287 1.00 0.64 ? 9  DC  A "C2'"  1 
ATOM   261 C  "C1'"  . DC  A 1 9  ? -4.228  -2.735  -11.116 1.00 0.64 ? 9  DC  A "C1'"  1 
ATOM   262 N  N1     . DC  A 1 9  ? -4.859  -2.929  -9.800  1.00 0.61 ? 9  DC  A N1     1 
ATOM   263 C  C2     . DC  A 1 9  ? -4.326  -3.883  -8.934  1.00 0.55 ? 9  DC  A C2     1 
ATOM   264 O  O2     . DC  A 1 9  ? -3.348  -4.546  -9.306  1.00 0.51 ? 9  DC  A O2     1 
ATOM   265 N  N3     . DC  A 1 9  ? -4.887  -4.063  -7.717  1.00 0.54 ? 9  DC  A N3     1 
ATOM   266 C  C4     . DC  A 1 9  ? -5.940  -3.327  -7.354  1.00 0.59 ? 9  DC  A C4     1 
ATOM   267 N  N4     . DC  A 1 9  ? -6.458  -3.537  -6.145  1.00 0.58 ? 9  DC  A N4     1 
ATOM   268 C  C5     . DC  A 1 9  ? -6.508  -2.346  -8.218  1.00 0.65 ? 9  DC  A C5     1 
ATOM   269 C  C6     . DC  A 1 9  ? -5.944  -2.188  -9.426  1.00 0.66 ? 9  DC  A C6     1 
ATOM   270 H  "H5'"  . DC  A 1 9  ? -4.248  1.112   -12.369 1.00 0.91 ? 9  DC  A "H5'"  1 
ATOM   271 H  "H5''" . DC  A 1 9  ? -5.408  0.670   -13.640 1.00 0.62 ? 9  DC  A "H5''" 1 
ATOM   272 H  "H4'"  . DC  A 1 9  ? -3.672  -1.015  -13.383 1.00 0.69 ? 9  DC  A "H4'"  1 
ATOM   273 H  "H3'"  . DC  A 1 9  ? -6.505  -1.775  -12.825 1.00 0.68 ? 9  DC  A "H3'"  1 
ATOM   274 H  "H2'"  . DC  A 1 9  ? -5.886  -3.879  -11.956 1.00 0.64 ? 9  DC  A "H2'"  1 
ATOM   275 H  "H2''" . DC  A 1 9  ? -4.403  -3.938  -12.893 1.00 0.63 ? 9  DC  A "H2''" 1 
ATOM   276 H  "H1'"  . DC  A 1 9  ? -3.232  -3.178  -11.087 1.00 0.61 ? 9  DC  A "H1'"  1 
ATOM   277 H  H41    . DC  A 1 9  ? -7.255  -3.002  -5.833  1.00 0.63 ? 9  DC  A H41    1 
ATOM   278 H  H42    . DC  A 1 9  ? -6.049  -4.231  -5.535  1.00 0.54 ? 9  DC  A H42    1 
ATOM   279 H  H5     . DC  A 1 9  ? -7.360  -1.742  -7.905  1.00 0.69 ? 9  DC  A H5     1 
ATOM   280 H  H6     . DC  A 1 9  ? -6.365  -1.463  -10.121 1.00 0.71 ? 9  DC  A H6     1 
ATOM   281 P  P      . DT  A 1 10 ? -6.635  -2.960  -15.267 1.00 0.69 ? 10 DT  A P      1 
ATOM   282 O  OP1    . DT  A 1 10 ? -6.560  -2.489  -16.673 1.00 0.75 ? 10 DT  A OP1    1 
ATOM   283 O  OP2    . DT  A 1 10 ? -7.871  -2.723  -14.479 1.00 0.69 ? 10 DT  A OP2    1 
ATOM   284 O  "O5'"  . DT  A 1 10 ? -6.332  -4.525  -15.251 1.00 0.61 ? 10 DT  A "O5'"  1 
ATOM   285 C  "C5'"  . DT  A 1 10 ? -5.188  -5.064  -15.918 1.00 0.64 ? 10 DT  A "C5'"  1 
ATOM   286 C  "C4'"  . DT  A 1 10 ? -5.187  -6.573  -15.815 1.00 0.60 ? 10 DT  A "C4'"  1 
ATOM   287 O  "O4'"  . DT  A 1 10 ? -5.097  -6.932  -14.417 1.00 0.58 ? 10 DT  A "O4'"  1 
ATOM   288 C  "C3'"  . DT  A 1 10 ? -6.431  -7.265  -16.376 1.00 0.57 ? 10 DT  A "C3'"  1 
ATOM   289 O  "O3'"  . DT  A 1 10 ? -6.039  -8.304  -17.279 1.00 0.57 ? 10 DT  A "O3'"  1 
ATOM   290 C  "C2'"  . DT  A 1 10 ? -7.144  -7.854  -15.166 1.00 0.53 ? 10 DT  A "C2'"  1 
ATOM   291 C  "C1'"  . DT  A 1 10 ? -6.152  -7.790  -14.022 1.00 0.53 ? 10 DT  A "C1'"  1 
ATOM   292 N  N1     . DT  A 1 10 ? -6.709  -7.258  -12.763 1.00 0.52 ? 10 DT  A N1     1 
ATOM   293 C  C2     . DT  A 1 10 ? -6.548  -8.002  -11.618 1.00 0.47 ? 10 DT  A C2     1 
ATOM   294 O  O2     . DT  A 1 10 ? -5.990  -9.086  -11.599 1.00 0.43 ? 10 DT  A O2     1 
ATOM   295 N  N3     . DT  A 1 10 ? -7.068  -7.430  -10.488 1.00 0.47 ? 10 DT  A N3     1 
ATOM   296 C  C4     . DT  A 1 10 ? -7.719  -6.221  -10.388 1.00 0.52 ? 10 DT  A C4     1 
ATOM   297 O  O4     . DT  A 1 10 ? -8.122  -5.834  -9.295  1.00 0.54 ? 10 DT  A O4     1 
ATOM   298 C  C5     . DT  A 1 10 ? -7.863  -5.494  -11.629 1.00 0.57 ? 10 DT  A C5     1 
ATOM   299 C  C7     . DT  A 1 10 ? -8.566  -4.172  -11.615 1.00 0.63 ? 10 DT  A C7     1 
ATOM   300 C  C6     . DT  A 1 10 ? -7.359  -6.040  -12.746 1.00 0.56 ? 10 DT  A C6     1 
ATOM   301 H  "H5'"  . DT  A 1 10 ? -4.278  -4.677  -15.457 1.00 0.68 ? 10 DT  A "H5'"  1 
ATOM   302 H  "H5''" . DT  A 1 10 ? -5.204  -4.776  -16.971 1.00 0.65 ? 10 DT  A "H5''" 1 
ATOM   303 H  "H4'"  . DT  A 1 10 ? -4.343  -6.936  -16.403 1.00 0.62 ? 10 DT  A "H4'"  1 
ATOM   304 H  "H3'"  . DT  A 1 10 ? -7.063  -6.556  -16.910 1.00 0.59 ? 10 DT  A "H3'"  1 
ATOM   305 H  "H2'"  . DT  A 1 10 ? -8.065  -7.325  -14.942 1.00 0.54 ? 10 DT  A "H2'"  1 
ATOM   306 H  "H2''" . DT  A 1 10 ? -7.400  -8.899  -15.327 1.00 0.51 ? 10 DT  A "H2''" 1 
ATOM   307 H  "H1'"  . DT  A 1 10 ? -5.728  -8.773  -13.821 1.00 0.49 ? 10 DT  A "H1'"  1 
ATOM   308 H  H3     . DT  A 1 10 ? -6.991  -7.962  -9.633  1.00 0.44 ? 10 DT  A H3     1 
ATOM   309 H  H71    . DT  A 1 10 ? -9.113  -4.062  -10.678 1.00 1.50 ? 10 DT  A H71    1 
ATOM   310 H  H72    . DT  A 1 10 ? -7.834  -3.370  -11.703 1.00 0.64 ? 10 DT  A H72    1 
ATOM   311 H  H73    . DT  A 1 10 ? -9.262  -4.121  -12.452 1.00 0.98 ? 10 DT  A H73    1 
ATOM   312 H  H6     . DT  A 1 10 ? -7.467  -5.496  -13.684 1.00 0.60 ? 10 DT  A H6     1 
ATOM   313 P  P      . DC  A 1 11 ? -7.142  -9.014  -18.208 1.00 0.55 ? 11 DC  A P      1 
ATOM   314 O  OP1    . DC  A 1 11 ? -6.422  -9.918  -19.141 1.00 0.56 ? 11 DC  A OP1    1 
ATOM   315 O  OP2    . DC  A 1 11 ? -8.044  -7.967  -18.753 1.00 0.58 ? 11 DC  A OP2    1 
ATOM   316 O  "O5'"  . DC  A 1 11 ? -7.977  -9.911  -17.189 1.00 0.48 ? 11 DC  A "O5'"  1 
ATOM   317 C  "C5'"  . DC  A 1 11 ? -7.340  -10.924 -16.409 1.00 0.45 ? 11 DC  A "C5'"  1 
ATOM   318 C  "C4'"  . DC  A 1 11 ? -8.326  -11.530 -15.438 1.00 0.40 ? 11 DC  A "C4'"  1 
ATOM   319 O  "O4'"  . DC  A 1 11 ? -8.323  -10.798 -14.196 1.00 0.38 ? 11 DC  A "O4'"  1 
ATOM   320 C  "C3'"  . DC  A 1 11 ? -9.781  -11.496 -15.882 1.00 0.44 ? 11 DC  A "C3'"  1 
ATOM   321 O  "O3'"  . DC  A 1 11 ? -10.086 -12.638 -16.693 1.00 0.47 ? 11 DC  A "O3'"  1 
ATOM   322 C  "C2'"  . DC  A 1 11 ? -10.544 -11.546 -14.566 1.00 0.38 ? 11 DC  A "C2'"  1 
ATOM   323 C  "C1'"  . DC  A 1 11 ? -9.524  -11.116 -13.508 1.00 0.35 ? 11 DC  A "C1'"  1 
ATOM   324 N  N1     . DC  A 1 11 ? -9.927  -9.935  -12.724 1.00 0.38 ? 11 DC  A N1     1 
ATOM   325 C  C2     . DC  A 1 11 ? -9.939  -10.022 -11.328 1.00 0.34 ? 11 DC  A C2     1 
ATOM   326 O  O2     . DC  A 1 11 ? -9.611  -11.089 -10.788 1.00 0.27 ? 11 DC  A O2     1 
ATOM   327 N  N3     . DC  A 1 11 ? -10.308 -8.943  -10.601 1.00 0.39 ? 11 DC  A N3     1 
ATOM   328 C  C4     . DC  A 1 11 ? -10.650 -7.810  -11.216 1.00 0.47 ? 11 DC  A C4     1 
ATOM   329 N  N4     . DC  A 1 11 ? -11.010 -6.776  -10.446 1.00 0.52 ? 11 DC  A N4     1 
ATOM   330 C  C5     . DC  A 1 11 ? -10.645 -7.693  -12.642 1.00 0.50 ? 11 DC  A C5     1 
ATOM   331 C  C6     . DC  A 1 11 ? -10.284 -8.773  -13.347 1.00 0.46 ? 11 DC  A C6     1 
ATOM   332 H  "H5'"  . DC  A 1 11 ? -6.508  -10.493 -15.852 1.00 0.47 ? 11 DC  A "H5'"  1 
ATOM   333 H  "H5''" . DC  A 1 11 ? -6.961  -11.707 -17.066 1.00 0.46 ? 11 DC  A "H5''" 1 
ATOM   334 H  "H4'"  . DC  A 1 11 ? -8.060  -12.578 -15.314 1.00 0.37 ? 11 DC  A "H4'"  1 
ATOM   335 H  "H3'"  . DC  A 1 11 ? -9.998  -10.587 -16.442 1.00 0.50 ? 11 DC  A "H3'"  1 
ATOM   336 H  "H2'"  . DC  A 1 11 ? -11.412 -10.890 -14.590 1.00 0.41 ? 11 DC  A "H2'"  1 
ATOM   337 H  "H2''" . DC  A 1 11 ? -10.900 -12.554 -14.353 1.00 0.35 ? 11 DC  A "H2''" 1 
ATOM   338 H  "H1'"  . DC  A 1 11 ? -9.309  -11.934 -12.818 1.00 0.30 ? 11 DC  A "H1'"  1 
ATOM   339 H  H41    . DC  A 1 11 ? -11.291 -5.888  -10.821 1.00 0.58 ? 11 DC  A H41    1 
ATOM   340 H  H42    . DC  A 1 11 ? -10.969 -6.863  -9.442  1.00 0.51 ? 11 DC  A H42    1 
ATOM   341 H  H5     . DC  A 1 11 ? -10.922 -6.763  -13.139 1.00 0.56 ? 11 DC  A H5     1 
ATOM   342 H  H6     . DC  A 1 11 ? -10.284 -8.724  -14.435 1.00 0.49 ? 11 DC  A H6     1 
ATOM   343 P  P      . DC  A 1 12 ? -10.786 -12.437 -18.129 1.00 0.56 ? 12 DC  A P      1 
ATOM   344 O  OP1    . DC  A 1 12 ? -9.829  -12.875 -19.177 1.00 0.59 ? 12 DC  A OP1    1 
ATOM   345 O  OP2    . DC  A 1 12 ? -11.347 -11.063 -18.175 1.00 0.59 ? 12 DC  A OP2    1 
ATOM   346 O  "O5'"  . DC  A 1 12 ? -12.008 -13.459 -18.111 1.00 0.58 ? 12 DC  A "O5'"  1 
ATOM   347 C  "C5'"  . DC  A 1 12 ? -11.859 -14.780 -17.587 1.00 0.57 ? 12 DC  A "C5'"  1 
ATOM   348 C  "C4'"  . DC  A 1 12 ? -12.954 -15.071 -16.588 1.00 0.58 ? 12 DC  A "C4'"  1 
ATOM   349 O  "O4'"  . DC  A 1 12 ? -12.813 -14.160 -15.473 1.00 0.40 ? 12 DC  A "O4'"  1 
ATOM   350 C  "C3'"  . DC  A 1 12 ? -14.382 -14.889 -17.115 1.00 0.77 ? 12 DC  A "C3'"  1 
ATOM   351 O  "O3'"  . DC  A 1 12 ? -15.158 -16.063 -16.871 1.00 1.03 ? 12 DC  A "O3'"  1 
ATOM   352 C  "C2'"  . DC  A 1 12 ? -14.936 -13.720 -16.315 1.00 0.48 ? 12 DC  A "C2'"  1 
ATOM   353 C  "C1'"  . DC  A 1 12 ? -14.093 -13.742 -15.056 1.00 0.35 ? 12 DC  A "C1'"  1 
ATOM   354 N  N1     . DC  A 1 12 ? -13.944 -12.447 -14.371 1.00 0.36 ? 12 DC  A N1     1 
ATOM   355 C  C2     . DC  A 1 12 ? -13.973 -12.418 -12.973 1.00 0.29 ? 12 DC  A C2     1 
ATOM   356 O  O2     . DC  A 1 12 ? -14.124 -13.481 -12.355 1.00 0.21 ? 12 DC  A O2     1 
ATOM   357 N  N3     . DC  A 1 12 ? -13.833 -11.235 -12.331 1.00 0.33 ? 12 DC  A N3     1 
ATOM   358 C  C4     . DC  A 1 12 ? -13.672 -10.112 -13.033 1.00 0.41 ? 12 DC  A C4     1 
ATOM   359 N  N4     . DC  A 1 12 ? -13.542 -8.967  -12.364 1.00 0.46 ? 12 DC  A N4     1 
ATOM   360 C  C5     . DC  A 1 12 ? -13.639 -10.111 -14.459 1.00 0.46 ? 12 DC  A C5     1 
ATOM   361 C  C6     . DC  A 1 12 ? -13.778 -11.290 -15.080 1.00 0.44 ? 12 DC  A C6     1 
ATOM   362 H  "H5'"  . DC  A 1 12 ? -10.892 -14.873 -17.094 1.00 0.53 ? 12 DC  A "H5'"  1 
ATOM   363 H  "H5''" . DC  A 1 12 ? -11.917 -15.504 -18.400 1.00 0.60 ? 12 DC  A "H5''" 1 
ATOM   364 H  "H4'"  . DC  A 1 12 ? -12.863 -16.119 -16.297 1.00 0.65 ? 12 DC  A "H4'"  1 
ATOM   365 H  "H3'"  . DC  A 1 12 ? -14.380 -14.682 -18.185 1.00 1.13 ? 12 DC  A "H3'"  1 
ATOM   366 H  "HO3'" . DC  A 1 12 ? -14.824 -16.753 -17.448 1.00 1.76 ? 12 DC  A "HO3'" 1 
ATOM   367 H  "H2'"  . DC  A 1 12 ? -14.839 -12.783 -16.861 1.00 0.81 ? 12 DC  A "H2'"  1 
ATOM   368 H  "H2''" . DC  A 1 12 ? -15.993 -13.860 -16.088 1.00 0.26 ? 12 DC  A "H2''" 1 
ATOM   369 H  "H1'"  . DC  A 1 12 ? -14.472 -14.477 -14.343 1.00 0.27 ? 12 DC  A "H1'"  1 
ATOM   370 H  H41    . DC  A 1 12 ? -13.420 -8.112  -12.875 1.00 0.52 ? 12 DC  A H41    1 
ATOM   371 H  H42    . DC  A 1 12 ? -13.569 -8.929  -11.357 1.00 0.44 ? 12 DC  A H42    1 
ATOM   372 H  H5     . DC  A 1 12 ? -13.504 -9.188  -15.021 1.00 0.53 ? 12 DC  A H5     1 
ATOM   373 H  H6     . DC  A 1 12 ? -13.753 -11.324 -16.170 1.00 0.50 ? 12 DC  A H6     1 
ATOM   374 O  "O5'"  . DG  B 2 1  ? -17.159 -10.712 -5.187  1.00 0.87 ? 13 DG  B "O5'"  1 
ATOM   375 C  "C5'"  . DG  B 2 1  ? -17.493 -11.473 -4.022  1.00 0.58 ? 13 DG  B "C5'"  1 
ATOM   376 C  "C4'"  . DG  B 2 1  ? -16.307 -12.281 -3.549  1.00 0.56 ? 13 DG  B "C4'"  1 
ATOM   377 O  "O4'"  . DG  B 2 1  ? -15.649 -12.863 -4.702  1.00 0.47 ? 13 DG  B "O4'"  1 
ATOM   378 C  "C3'"  . DG  B 2 1  ? -15.232 -11.476 -2.819  1.00 0.60 ? 13 DG  B "C3'"  1 
ATOM   379 O  "O3'"  . DG  B 2 1  ? -15.391 -11.591 -1.402  1.00 0.69 ? 13 DG  B "O3'"  1 
ATOM   380 C  "C2'"  . DG  B 2 1  ? -13.940 -12.136 -3.266  1.00 0.53 ? 13 DG  B "C2'"  1 
ATOM   381 C  "C1'"  . DG  B 2 1  ? -14.267 -12.538 -4.690  1.00 0.45 ? 13 DG  B "C1'"  1 
ATOM   382 N  N9     . DG  B 2 1  ? -14.045 -11.489 -5.679  1.00 0.42 ? 13 DG  B N9     1 
ATOM   383 C  C8     . DG  B 2 1  ? -13.835 -10.154 -5.438  1.00 0.49 ? 13 DG  B C8     1 
ATOM   384 N  N7     . DG  B 2 1  ? -13.681 -9.452  -6.526  1.00 0.47 ? 13 DG  B N7     1 
ATOM   385 C  C5     . DG  B 2 1  ? -13.791 -10.383 -7.550  1.00 0.39 ? 13 DG  B C5     1 
ATOM   386 C  C6     . DG  B 2 1  ? -13.709 -10.215 -8.954  1.00 0.36 ? 13 DG  B C6     1 
ATOM   387 O  O6     . DG  B 2 1  ? -13.515 -9.178  -9.595  1.00 0.41 ? 13 DG  B O6     1 
ATOM   388 N  N1     . DG  B 2 1  ? -13.877 -11.422 -9.627  1.00 0.28 ? 13 DG  B N1     1 
ATOM   389 C  C2     . DG  B 2 1  ? -14.096 -12.642 -9.018  1.00 0.22 ? 13 DG  B C2     1 
ATOM   390 N  N2     . DG  B 2 1  ? -14.243 -13.714 -9.817  1.00 0.15 ? 13 DG  B N2     1 
ATOM   391 N  N3     . DG  B 2 1  ? -14.169 -12.807 -7.709  1.00 0.27 ? 13 DG  B N3     1 
ATOM   392 C  C4     . DG  B 2 1  ? -14.012 -11.646 -7.042  1.00 0.35 ? 13 DG  B C4     1 
ATOM   393 H  "H5'"  . DG  B 2 1  ? -18.314 -12.151 -4.255  1.00 0.49 ? 13 DG  B "H5'"  1 
ATOM   394 H  "H5''" . DG  B 2 1  ? -17.805 -10.801 -3.224  1.00 0.98 ? 13 DG  B "H5''" 1 
ATOM   395 H  "H4'"  . DG  B 2 1  ? -16.677 -13.026 -2.842  1.00 0.59 ? 13 DG  B "H4'"  1 
ATOM   396 H  "H3'"  . DG  B 2 1  ? -15.271 -10.424 -3.101  1.00 0.62 ? 13 DG  B "H3'"  1 
ATOM   397 H  "H2'"  . DG  B 2 1  ? -13.101 -11.441 -3.215  1.00 0.53 ? 13 DG  B "H2'"  1 
ATOM   398 H  "H2''" . DG  B 2 1  ? -13.694 -12.993 -2.642  1.00 0.54 ? 13 DG  B "H2''" 1 
ATOM   399 H  "H1'"  . DG  B 2 1  ? -13.706 -13.426 -4.987  1.00 0.40 ? 13 DG  B "H1'"  1 
ATOM   400 H  H8     . DG  B 2 1  ? -13.799 -9.728  -4.446  1.00 0.55 ? 13 DG  B H8     1 
ATOM   401 H  H1     . DG  B 2 1  ? -13.824 -11.345 -10.635 1.00 0.28 ? 13 DG  B H1     1 
ATOM   402 H  H21    . DG  B 2 1  ? -14.405 -14.613 -9.381  1.00 0.11 ? 13 DG  B H21    1 
ATOM   403 H  H22    . DG  B 2 1  ? -14.200 -13.666 -10.828 1.00 0.15 ? 13 DG  B H22    1 
ATOM   404 H  "HO5'" . DG  B 2 1  ? -16.379 -11.120 -5.571  1.00 1.51 ? 13 DG  B "HO5'" 1 
ATOM   405 P  P      . DG  B 2 2  ? -14.679 -10.524 -0.431  1.00 0.76 ? 14 DG  B P      1 
ATOM   406 O  OP1    . DG  B 2 2  ? -14.891 -10.988 0.964   1.00 0.84 ? 14 DG  B OP1    1 
ATOM   407 O  OP2    . DG  B 2 2  ? -15.123 -9.163  -0.827  1.00 0.79 ? 14 DG  B OP2    1 
ATOM   408 O  "O5'"  . DG  B 2 2  ? -13.129 -10.666 -0.774  1.00 0.70 ? 14 DG  B "O5'"  1 
ATOM   409 C  "C5'"  . DG  B 2 2  ? -12.415 -11.865 -0.467  1.00 0.67 ? 14 DG  B "C5'"  1 
ATOM   410 C  "C4'"  . DG  B 2 2  ? -11.159 -11.964 -1.301  1.00 0.57 ? 14 DG  B "C4'"  1 
ATOM   411 O  "O4'"  . DG  B 2 2  ? -11.353 -11.273 -2.560  1.00 0.52 ? 14 DG  B "O4'"  1 
ATOM   412 C  "C3'"  . DG  B 2 2  ? -9.911  -11.342 -0.662  1.00 0.57 ? 14 DG  B "C3'"  1 
ATOM   413 O  "O3'"  . DG  B 2 2  ? -8.870  -12.322 -0.576  1.00 0.53 ? 14 DG  B "O3'"  1 
ATOM   414 C  "C2'"  . DG  B 2 2  ? -9.519  -10.219 -1.612  1.00 0.54 ? 14 DG  B "C2'"  1 
ATOM   415 C  "C1'"  . DG  B 2 2  ? -10.136 -10.658 -2.920  1.00 0.48 ? 14 DG  B "C1'"  1 
ATOM   416 N  N9     . DG  B 2 2  ? -10.427 -9.571  -3.851  1.00 0.48 ? 14 DG  B N9     1 
ATOM   417 C  C8     . DG  B 2 2  ? -10.798 -8.290  -3.525  1.00 0.55 ? 14 DG  B C8     1 
ATOM   418 N  N7     . DG  B 2 2  ? -10.990 -7.528  -4.566  1.00 0.56 ? 14 DG  B N7     1 
ATOM   419 C  C5     . DG  B 2 2  ? -10.726 -8.356  -5.650  1.00 0.48 ? 14 DG  B C5     1 
ATOM   420 C  C6     . DG  B 2 2  ? -10.760 -8.084  -7.042  1.00 0.46 ? 14 DG  B C6     1 
ATOM   421 O  O6     . DG  B 2 2  ? -11.042 -7.025  -7.615  1.00 0.51 ? 14 DG  B O6     1 
ATOM   422 N  N1     . DG  B 2 2  ? -10.421 -9.205  -7.791  1.00 0.37 ? 14 DG  B N1     1 
ATOM   423 C  C2     . DG  B 2 2  ? -10.094 -10.432 -7.270  1.00 0.31 ? 14 DG  B C2     1 
ATOM   424 N  N2     . DG  B 2 2  ? -9.813  -11.391 -8.161  1.00 0.23 ? 14 DG  B N2     1 
ATOM   425 N  N3     . DG  B 2 2  ? -10.051 -10.698 -5.974  1.00 0.34 ? 14 DG  B N3     1 
ATOM   426 C  C4     . DG  B 2 2  ? -10.378 -9.621  -5.226  1.00 0.42 ? 14 DG  B C4     1 
ATOM   427 H  "H5'"  . DG  B 2 2  ? -13.047 -12.730 -0.670  1.00 0.65 ? 14 DG  B "H5'"  1 
ATOM   428 H  "H5''" . DG  B 2 2  ? -12.142 -11.867 0.589   1.00 0.76 ? 14 DG  B "H5''" 1 
ATOM   429 H  "H4'"  . DG  B 2 2  ? -10.939 -13.026 -1.429  1.00 0.55 ? 14 DG  B "H4'"  1 
ATOM   430 H  "H3'"  . DG  B 2 2  ? -10.131 -10.968 0.338   1.00 0.62 ? 14 DG  B "H3'"  1 
ATOM   431 H  "H2'"  . DG  B 2 2  ? -9.911  -9.260  -1.272  1.00 0.59 ? 14 DG  B "H2'"  1 
ATOM   432 H  "H2''" . DG  B 2 2  ? -8.439  -10.122 -1.691  1.00 0.52 ? 14 DG  B "H2''" 1 
ATOM   433 H  "H1'"  . DG  B 2 2  ? -9.514  -11.400 -3.424  1.00 0.42 ? 14 DG  B "H1'"  1 
ATOM   434 H  H8     . DG  B 2 2  ? -10.909 -7.948  -2.507  1.00 0.61 ? 14 DG  B H8     1 
ATOM   435 H  H1     . DG  B 2 2  ? -10.416 -9.109  -8.796  1.00 0.37 ? 14 DG  B H1     1 
ATOM   436 H  H21    . DG  B 2 2  ? -9.571  -12.316 -7.839  1.00 0.18 ? 14 DG  B H21    1 
ATOM   437 H  H22    . DG  B 2 2  ? -9.835  -11.193 -9.153  1.00 0.23 ? 14 DG  B H22    1 
ATOM   438 P  P      . DA  B 2 3  ? -7.585  -12.048 0.354   1.00 0.61 ? 15 DA  B P      1 
ATOM   439 O  OP1    . DA  B 2 3  ? -7.673  -12.937 1.541   1.00 0.68 ? 15 DA  B OP1    1 
ATOM   440 O  OP2    . DA  B 2 3  ? -7.468  -10.579 0.545   1.00 0.73 ? 15 DA  B OP2    1 
ATOM   441 O  "O5'"  . DA  B 2 3  ? -6.359  -12.530 -0.541  1.00 0.51 ? 15 DA  B "O5'"  1 
ATOM   442 C  "C5'"  . DA  B 2 3  ? -6.471  -13.680 -1.383  1.00 0.42 ? 15 DA  B "C5'"  1 
ATOM   443 C  "C4'"  . DA  B 2 3  ? -5.613  -13.509 -2.615  1.00 0.44 ? 15 DA  B "C4'"  1 
ATOM   444 O  "O4'"  . DA  B 2 3  ? -6.350  -12.757 -3.599  1.00 0.40 ? 15 DA  B "O4'"  1 
ATOM   445 C  "C3'"  . DA  B 2 3  ? -4.322  -12.726 -2.391  1.00 0.47 ? 15 DA  B "C3'"  1 
ATOM   446 O  "O3'"  . DA  B 2 3  ? -3.238  -13.633 -2.165  1.00 1.03 ? 15 DA  B "O3'"  1 
ATOM   447 C  "C2'"  . DA  B 2 3  ? -4.118  -11.965 -3.693  1.00 0.32 ? 15 DA  B "C2'"  1 
ATOM   448 C  "C1'"  . DA  B 2 3  ? -5.446  -12.059 -4.436  1.00 0.31 ? 15 DA  B "C1'"  1 
ATOM   449 N  N9     . DA  B 2 3  ? -6.043  -10.762 -4.753  1.00 0.33 ? 15 DA  B N9     1 
ATOM   450 C  C8     . DA  B 2 3  ? -6.589  -9.854  -3.881  1.00 0.41 ? 15 DA  B C8     1 
ATOM   451 N  N7     . DA  B 2 3  ? -7.060  -8.779  -4.465  1.00 0.45 ? 15 DA  B N7     1 
ATOM   452 C  C5     . DA  B 2 3  ? -6.801  -8.991  -5.811  1.00 0.40 ? 15 DA  B C5     1 
ATOM   453 C  C6     . DA  B 2 3  ? -7.050  -8.216  -6.958  1.00 0.43 ? 15 DA  B C6     1 
ATOM   454 N  N6     . DA  B 2 3  ? -7.635  -7.017  -6.930  1.00 0.51 ? 15 DA  B N6     1 
ATOM   455 N  N1     . DA  B 2 3  ? -6.665  -8.719  -8.151  1.00 0.39 ? 15 DA  B N1     1 
ATOM   456 C  C2     . DA  B 2 3  ? -6.066  -9.917  -8.179  1.00 0.32 ? 15 DA  B C2     1 
ATOM   457 N  N3     . DA  B 2 3  ? -5.773  -10.735 -7.172  1.00 0.28 ? 15 DA  B N3     1 
ATOM   458 C  C4     . DA  B 2 3  ? -6.173  -10.208 -6.002  1.00 0.32 ? 15 DA  B C4     1 
ATOM   459 H  "H5'"  . DA  B 2 3  ? -7.510  -13.812 -1.688  1.00 0.41 ? 15 DA  B "H5'"  1 
ATOM   460 H  "H5''" . DA  B 2 3  ? -6.142  -14.566 -0.840  1.00 0.43 ? 15 DA  B "H5''" 1 
ATOM   461 H  "H4'"  . DA  B 2 3  ? -5.324  -14.504 -2.957  1.00 0.65 ? 15 DA  B "H4'"  1 
ATOM   462 H  "H3'"  . DA  B 2 3  ? -4.414  -12.055 -1.537  1.00 0.57 ? 15 DA  B "H3'"  1 
ATOM   463 H  "H2'"  . DA  B 2 3  ? -3.826  -10.932 -3.504  1.00 0.50 ? 15 DA  B "H2'"  1 
ATOM   464 H  "H2''" . DA  B 2 3  ? -3.336  -12.421 -4.300  1.00 0.45 ? 15 DA  B "H2''" 1 
ATOM   465 H  "H1'"  . DA  B 2 3  ? -5.335  -12.623 -5.362  1.00 0.24 ? 15 DA  B "H1'"  1 
ATOM   466 H  H8     . DA  B 2 3  ? -6.619  -10.009 -2.813  1.00 0.45 ? 15 DA  B H8     1 
ATOM   467 H  H61    . DA  B 2 3  ? -7.923  -6.625  -6.044  1.00 0.55 ? 15 DA  B H61    1 
ATOM   468 H  H62    . DA  B 2 3  ? -7.795  -6.505  -7.788  1.00 0.54 ? 15 DA  B H62    1 
ATOM   469 H  H2     . DA  B 2 3  ? -5.778  -10.272 -9.168  1.00 0.31 ? 15 DA  B H2     1 
ATOM   470 P  P      . DG  B 2 4  ? -2.270  -13.430 -0.897  1.00 1.43 ? 16 DG  B P      1 
ATOM   471 O  OP1    . DG  B 2 4  ? -2.000  -14.767 -0.310  1.00 2.12 ? 16 DG  B OP1    1 
ATOM   472 O  OP2    . DG  B 2 4  ? -2.832  -12.354 -0.040  1.00 1.64 ? 16 DG  B OP2    1 
ATOM   473 O  "O5'"  . DG  B 2 4  ? -0.913  -12.889 -1.535  1.00 1.04 ? 16 DG  B "O5'"  1 
ATOM   474 C  "C5'"  . DG  B 2 4  ? -0.627  -13.079 -2.922  1.00 0.89 ? 16 DG  B "C5'"  1 
ATOM   475 C  "C4'"  . DG  B 2 4  ? -0.113  -11.793 -3.529  1.00 0.43 ? 16 DG  B "C4'"  1 
ATOM   476 O  "O4'"  . DG  B 2 4  ? -1.225  -11.003 -3.994  1.00 0.44 ? 16 DG  B "O4'"  1 
ATOM   477 C  "C3'"  . DG  B 2 4  ? 0.636   -10.877 -2.566  1.00 0.45 ? 16 DG  B "C3'"  1 
ATOM   478 O  "O3'"  . DG  B 2 4  ? 2.041   -11.136 -2.633  1.00 0.67 ? 16 DG  B "O3'"  1 
ATOM   479 C  "C2'"  . DG  B 2 4  ? 0.323   -9.476  -3.076  1.00 0.29 ? 16 DG  B "C2'"  1 
ATOM   480 C  "C1'"  . DG  B 2 4  ? -0.783  -9.665  -4.111  1.00 0.30 ? 16 DG  B "C1'"  1 
ATOM   481 N  N9     . DG  B 2 4  ? -1.936  -8.790  -3.926  1.00 0.38 ? 16 DG  B N9     1 
ATOM   482 C  C8     . DG  B 2 4  ? -2.745  -8.700  -2.819  1.00 0.43 ? 16 DG  B C8     1 
ATOM   483 N  N7     . DG  B 2 4  ? -3.693  -7.811  -2.945  1.00 0.50 ? 16 DG  B N7     1 
ATOM   484 C  C5     . DG  B 2 4  ? -3.499  -7.285  -4.215  1.00 0.50 ? 16 DG  B C5     1 
ATOM   485 C  C6     . DG  B 2 4  ? -4.217  -6.279  -4.913  1.00 0.57 ? 16 DG  B C6     1 
ATOM   486 O  O6     . DG  B 2 4  ? -5.199  -5.630  -4.538  1.00 0.64 ? 16 DG  B O6     1 
ATOM   487 N  N1     . DG  B 2 4  ? -3.683  -6.053  -6.177  1.00 0.57 ? 16 DG  B N1     1 
ATOM   488 C  C2     . DG  B 2 4  ? -2.594  -6.709  -6.703  1.00 0.51 ? 16 DG  B C2     1 
ATOM   489 N  N2     . DG  B 2 4  ? -2.214  -6.363  -7.940  1.00 0.54 ? 16 DG  B N2     1 
ATOM   490 N  N3     . DG  B 2 4  ? -1.917  -7.644  -6.061  1.00 0.44 ? 16 DG  B N3     1 
ATOM   491 C  C4     . DG  B 2 4  ? -2.421  -7.880  -4.833  1.00 0.44 ? 16 DG  B C4     1 
ATOM   492 H  "H5'"  . DG  B 2 4  ? -1.532  -13.383 -3.447  1.00 1.00 ? 16 DG  B "H5'"  1 
ATOM   493 H  "H5''" . DG  B 2 4  ? 0.130   -13.854 -3.038  1.00 1.11 ? 16 DG  B "H5''" 1 
ATOM   494 H  "H4'"  . DG  B 2 4  ? 0.588   -12.059 -4.322  1.00 0.41 ? 16 DG  B "H4'"  1 
ATOM   495 H  "H3'"  . DG  B 2 4  ? 0.294   -11.022 -1.541  1.00 0.89 ? 16 DG  B "H3'"  1 
ATOM   496 H  "H2'"  . DG  B 2 4  ? 0.018   -8.818  -2.263  1.00 0.36 ? 16 DG  B "H2'"  1 
ATOM   497 H  "H2''" . DG  B 2 4  ? 1.192   -9.024  -3.553  1.00 0.31 ? 16 DG  B "H2''" 1 
ATOM   498 H  "H1'"  . DG  B 2 4  ? -0.399  -9.525  -5.123  1.00 0.23 ? 16 DG  B "H1'"  1 
ATOM   499 H  H8     . DG  B 2 4  ? -2.611  -9.305  -1.934  1.00 0.42 ? 16 DG  B H8     1 
ATOM   500 H  H1     . DG  B 2 4  ? -4.153  -5.349  -6.730  1.00 0.63 ? 16 DG  B H1     1 
ATOM   501 H  H21    . DG  B 2 4  ? -1.418  -6.830  -8.344  1.00 0.51 ? 16 DG  B H21    1 
ATOM   502 H  H22    . DG  B 2 4  ? -2.693  -5.656  -8.486  1.00 0.60 ? 16 DG  B H22    1 
ATOM   503 P  P      . DA  B 2 5  ? 3.043   -10.366 -1.638  1.00 1.00 ? 17 DA  B P      1 
ATOM   504 O  OP1    . DA  B 2 5  ? 4.309   -11.138 -1.564  1.00 1.06 ? 17 DA  B OP1    1 
ATOM   505 O  OP2    . DA  B 2 5  ? 2.295   -10.061 -0.391  1.00 1.23 ? 17 DA  B OP2    1 
ATOM   506 O  "O5'"  . DA  B 2 5  ? 3.341   -8.989  -2.384  1.00 1.14 ? 17 DA  B "O5'"  1 
ATOM   507 C  "C5'"  . DA  B 2 5  ? 3.753   -8.965  -3.752  1.00 1.05 ? 17 DA  B "C5'"  1 
ATOM   508 C  "C4'"  . DA  B 2 5  ? 3.540   -7.589  -4.339  1.00 1.17 ? 17 DA  B "C4'"  1 
ATOM   509 O  "O4'"  . DA  B 2 5  ? 2.128   -7.305  -4.382  1.00 0.91 ? 17 DA  B "O4'"  1 
ATOM   510 C  "C3'"  . DA  B 2 5  ? 4.146   -6.442  -3.533  1.00 1.49 ? 17 DA  B "C3'"  1 
ATOM   511 O  "O3'"  . DA  B 2 5  ? 5.449   -6.114  -4.028  1.00 1.98 ? 17 DA  B "O3'"  1 
ATOM   512 C  "C2'"  . DA  B 2 5  ? 3.187   -5.284  -3.767  1.00 0.92 ? 17 DA  B "C2'"  1 
ATOM   513 C  "C1'"  . DA  B 2 5  ? 1.951   -5.900  -4.408  1.00 0.81 ? 17 DA  B "C1'"  1 
ATOM   514 N  N9     . DA  B 2 5  ? 0.713   -5.584  -3.699  1.00 0.73 ? 17 DA  B N9     1 
ATOM   515 C  C8     . DA  B 2 5  ? 0.282   -6.099  -2.504  1.00 0.76 ? 17 DA  B C8     1 
ATOM   516 N  N7     . DA  B 2 5  ? -0.869  -5.615  -2.104  1.00 0.70 ? 17 DA  B N7     1 
ATOM   517 C  C5     . DA  B 2 5  ? -1.217  -4.717  -3.103  1.00 0.60 ? 17 DA  B C5     1 
ATOM   518 C  C6     . DA  B 2 5  ? -2.327  -3.872  -3.272  1.00 0.51 ? 17 DA  B C6     1 
ATOM   519 N  N6     . DA  B 2 5  ? -3.339  -3.800  -2.406  1.00 0.52 ? 17 DA  B N6     1 
ATOM   520 N  N1     . DA  B 2 5  ? -2.363  -3.095  -4.377  1.00 0.42 ? 17 DA  B N1     1 
ATOM   521 C  C2     . DA  B 2 5  ? -1.354  -3.180  -5.253  1.00 0.46 ? 17 DA  B C2     1 
ATOM   522 N  N3     . DA  B 2 5  ? -0.262  -3.940  -5.209  1.00 0.56 ? 17 DA  B N3     1 
ATOM   523 C  C4     . DA  B 2 5  ? -0.253  -4.691  -4.094  1.00 0.62 ? 17 DA  B C4     1 
ATOM   524 H  "H5'"  . DA  B 2 5  ? 3.172   -9.690  -4.324  1.00 0.80 ? 17 DA  B "H5'"  1 
ATOM   525 H  "H5''" . DA  B 2 5  ? 4.811   -9.222  -3.820  1.00 1.21 ? 17 DA  B "H5''" 1 
ATOM   526 H  "H4'"  . DA  B 2 5  ? 4.014   -7.569  -5.320  1.00 1.28 ? 17 DA  B "H4'"  1 
ATOM   527 H  "H3'"  . DA  B 2 5  ? 4.221   -6.701  -2.477  1.00 1.88 ? 17 DA  B "H3'"  1 
ATOM   528 H  "H2'"  . DA  B 2 5  ? 2.954   -4.770  -2.836  1.00 1.05 ? 17 DA  B "H2'"  1 
ATOM   529 H  "H2''" . DA  B 2 5  ? 3.612   -4.549  -4.453  1.00 0.62 ? 17 DA  B "H2''" 1 
ATOM   530 H  "H1'"  . DA  B 2 5  ? 1.847   -5.589  -5.448  1.00 0.76 ? 17 DA  B "H1'"  1 
ATOM   531 H  H8     . DA  B 2 5  ? 0.846   -6.826  -1.939  1.00 0.84 ? 17 DA  B H8     1 
ATOM   532 H  H61    . DA  B 2 5  ? -3.334  -4.373  -1.575  1.00 0.60 ? 17 DA  B H61    1 
ATOM   533 H  H62    . DA  B 2 5  ? -4.113  -3.175  -2.593  1.00 0.48 ? 17 DA  B H62    1 
ATOM   534 H  H2     . DA  B 2 5  ? -1.438  -2.536  -6.128  1.00 0.42 ? 17 DA  B H2     1 
ATOM   535 P  P      . DC  B 2 6  ? 6.207   -4.805  -3.479  1.00 2.35 ? 18 DC  B P      1 
ATOM   536 O  OP1    . DC  B 2 6  ? 7.634   -4.887  -3.883  1.00 2.93 ? 18 DC  B OP1    1 
ATOM   537 O  OP2    . DC  B 2 6  ? 5.860   -4.649  -2.043  1.00 2.41 ? 18 DC  B OP2    1 
ATOM   538 O  "O5'"  . DC  B 2 6  ? 5.533   -3.602  -4.277  1.00 2.02 ? 18 DC  B "O5'"  1 
ATOM   539 C  "C5'"  . DC  B 2 6  ? 5.872   -3.337  -5.640  1.00 2.14 ? 18 DC  B "C5'"  1 
ATOM   540 C  "C4'"  . DC  B 2 6  ? 5.000   -2.233  -6.190  1.00 1.75 ? 18 DC  B "C4'"  1 
ATOM   541 O  "O4'"  . DC  B 2 6  ? 3.630   -2.484  -5.807  1.00 1.41 ? 18 DC  B "O4'"  1 
ATOM   542 C  "C3'"  . DC  B 2 6  ? 5.318   -0.837  -5.663  1.00 1.51 ? 18 DC  B "C3'"  1 
ATOM   543 O  "O3'"  . DC  B 2 6  ? 6.239   -0.175  -6.536  1.00 1.66 ? 18 DC  B "O3'"  1 
ATOM   544 C  "C2'"  . DC  B 2 6  ? 3.971   -0.133  -5.681  1.00 1.09 ? 18 DC  B "C2'"  1 
ATOM   545 C  "C1'"  . DC  B 2 6  ? 2.940   -1.258  -5.608  1.00 1.15 ? 18 DC  B "C1'"  1 
ATOM   546 N  N1     . DC  B 2 6  ? 2.236   -1.340  -4.317  1.00 0.99 ? 18 DC  B N1     1 
ATOM   547 C  C2     . DC  B 2 6  ? 1.065   -0.596  -4.138  1.00 0.83 ? 18 DC  B C2     1 
ATOM   548 O  O2     . DC  B 2 6  ? 0.642   0.098   -5.074  1.00 0.87 ? 18 DC  B O2     1 
ATOM   549 N  N3     . DC  B 2 6  ? 0.423   -0.654  -2.950  1.00 0.68 ? 18 DC  B N3     1 
ATOM   550 C  C4     . DC  B 2 6  ? 0.902   -1.423  -1.969  1.00 0.69 ? 18 DC  B C4     1 
ATOM   551 N  N4     . DC  B 2 6  ? 0.231   -1.454  -0.819  1.00 0.57 ? 18 DC  B N4     1 
ATOM   552 C  C5     . DC  B 2 6  ? 2.088   -2.193  -2.126  1.00 0.87 ? 18 DC  B C5     1 
ATOM   553 C  C6     . DC  B 2 6  ? 2.717   -2.122  -3.304  1.00 1.00 ? 18 DC  B C6     1 
ATOM   554 H  "H5'"  . DC  B 2 6  ? 5.724   -4.238  -6.235  1.00 2.07 ? 18 DC  B "H5'"  1 
ATOM   555 H  "H5''" . DC  B 2 6  ? 6.917   -3.033  -5.705  1.00 2.78 ? 18 DC  B "H5''" 1 
ATOM   556 H  "H4'"  . DC  B 2 6  ? 5.146   -2.203  -7.271  1.00 1.95 ? 18 DC  B "H4'"  1 
ATOM   557 H  "H3'"  . DC  B 2 6  ? 5.744   -0.880  -4.661  1.00 1.56 ? 18 DC  B "H3'"  1 
ATOM   558 H  "H2'"  . DC  B 2 6  ? 3.879   0.563   -4.848  1.00 0.86 ? 18 DC  B "H2'"  1 
ATOM   559 H  "H2''" . DC  B 2 6  ? 3.834   0.436   -6.601  1.00 1.07 ? 18 DC  B "H2''" 1 
ATOM   560 H  "H1'"  . DC  B 2 6  ? 2.197   -1.158  -6.400  1.00 1.17 ? 18 DC  B "H1'"  1 
ATOM   561 H  H41    . DC  B 2 6  ? 0.556   -2.024  -0.051  1.00 0.62 ? 18 DC  B H41    1 
ATOM   562 H  H42    . DC  B 2 6  ? -0.610  -0.902  -0.731  1.00 0.43 ? 18 DC  B H42    1 
ATOM   563 H  H5     . DC  B 2 6  ? 2.468   -2.818  -1.317  1.00 0.91 ? 18 DC  B H5     1 
ATOM   564 H  H6     . DC  B 2 6  ? 3.629   -2.695  -3.456  1.00 1.14 ? 18 DC  B H6     1 
ATOM   565 P  P      . DC  B 2 7  ? 7.534   0.558   -5.924  1.00 1.64 ? 19 DC  B P      1 
ATOM   566 O  OP1    . DC  B 2 7  ? 8.276   1.166   -7.059  1.00 1.78 ? 19 DC  B OP1    1 
ATOM   567 O  OP2    . DC  B 2 7  ? 8.227   -0.397  -5.023  1.00 1.87 ? 19 DC  B OP2    1 
ATOM   568 O  "O5'"  . DC  B 2 7  ? 6.926   1.732   -5.034  1.00 1.21 ? 19 DC  B "O5'"  1 
ATOM   569 C  "C5'"  . DC  B 2 7  ? 6.683   3.028   -5.588  1.00 0.96 ? 19 DC  B "C5'"  1 
ATOM   570 C  "C4'"  . DC  B 2 7  ? 6.481   4.038   -4.483  1.00 0.68 ? 19 DC  B "C4'"  1 
ATOM   571 O  "O4'"  . DC  B 2 7  ? 5.130   3.929   -3.988  1.00 0.68 ? 19 DC  B "O4'"  1 
ATOM   572 C  "C3'"  . DC  B 2 7  ? 7.368   3.844   -3.258  1.00 0.79 ? 19 DC  B "C3'"  1 
ATOM   573 O  "O3'"  . DC  B 2 7  ? 8.583   4.591   -3.413  1.00 1.10 ? 19 DC  B "O3'"  1 
ATOM   574 C  "C2'"  . DC  B 2 7  ? 6.525   4.401   -2.122  1.00 0.69 ? 19 DC  B "C2'"  1 
ATOM   575 C  "C1'"  . DC  B 2 7  ? 5.084   4.304   -2.620  1.00 0.69 ? 19 DC  B "C1'"  1 
ATOM   576 N  N1     . DC  B 2 7  ? 4.256   3.313   -1.914  1.00 0.61 ? 19 DC  B N1     1 
ATOM   577 C  C2     . DC  B 2 7  ? 3.112   3.747   -1.237  1.00 0.50 ? 19 DC  B C2     1 
ATOM   578 O  O2     . DC  B 2 7  ? 2.842   4.957   -1.229  1.00 0.45 ? 19 DC  B O2     1 
ATOM   579 N  N3     . DC  B 2 7  ? 2.331   2.840   -0.608  1.00 0.44 ? 19 DC  B N3     1 
ATOM   580 C  C4     . DC  B 2 7  ? 2.662   1.548   -0.629  1.00 0.49 ? 19 DC  B C4     1 
ATOM   581 N  N4     . DC  B 2 7  ? 1.866   0.690   0.010   1.00 0.43 ? 19 DC  B N4     1 
ATOM   582 C  C5     . DC  B 2 7  ? 3.824   1.077   -1.307  1.00 0.60 ? 19 DC  B C5     1 
ATOM   583 C  C6     . DC  B 2 7  ? 4.587   1.986   -1.928  1.00 0.66 ? 19 DC  B C6     1 
ATOM   584 H  "H5'"  . DC  B 2 7  ? 5.789   2.997   -6.211  1.00 0.96 ? 19 DC  B "H5'"  1 
ATOM   585 H  "H5''" . DC  B 2 7  ? 7.534   3.332   -6.198  1.00 1.02 ? 19 DC  B "H5''" 1 
ATOM   586 H  "H4'"  . DC  B 2 7  ? 6.713   5.024   -4.888  1.00 0.47 ? 19 DC  B "H4'"  1 
ATOM   587 H  "H3'"  . DC  B 2 7  ? 7.610   2.792   -3.110  1.00 1.05 ? 19 DC  B "H3'"  1 
ATOM   588 H  "H2'"  . DC  B 2 7  ? 6.681   3.840   -1.201  1.00 0.50 ? 19 DC  B "H2'"  1 
ATOM   589 H  "H2''" . DC  B 2 7  ? 6.772   5.443   -1.918  1.00 0.99 ? 19 DC  B "H2''" 1 
ATOM   590 H  "H1'"  . DC  B 2 7  ? 4.588   5.274   -2.556  1.00 0.75 ? 19 DC  B "H1'"  1 
ATOM   591 H  H41    . DC  B 2 7  ? 2.088   -0.295  0.014   1.00 0.47 ? 19 DC  B H41    1 
ATOM   592 H  H42    . DC  B 2 7  ? 1.043   1.023   0.488   1.00 0.36 ? 19 DC  B H42    1 
ATOM   593 H  H5     . DC  B 2 7  ? 4.084   0.018   -1.317  1.00 0.64 ? 19 DC  B H5     1 
ATOM   594 H  H6     . DC  B 2 7  ? 5.484   1.660   -2.455  1.00 0.75 ? 19 DC  B H6     1 
ATOM   595 P  P      . DA  B 2 8  ? 9.592   4.751   -2.170  1.00 1.16 ? 20 DA  B P      1 
ATOM   596 O  OP1    . DA  B 2 8  ? 10.947  4.982   -2.732  1.00 1.25 ? 20 DA  B OP1    1 
ATOM   597 O  OP2    . DA  B 2 8  ? 9.372   3.623   -1.227  1.00 1.24 ? 20 DA  B OP2    1 
ATOM   598 O  "O5'"  . DA  B 2 8  ? 9.116   6.097   -1.461  1.00 1.15 ? 20 DA  B "O5'"  1 
ATOM   599 C  "C5'"  . DA  B 2 8  ? 8.866   7.281   -2.223  1.00 1.15 ? 20 DA  B "C5'"  1 
ATOM   600 C  "C4'"  . DA  B 2 8  ? 7.849   8.153   -1.522  1.00 1.12 ? 20 DA  B "C4'"  1 
ATOM   601 O  "O4'"  . DA  B 2 8  ? 6.785   7.321   -0.999  1.00 1.04 ? 20 DA  B "O4'"  1 
ATOM   602 C  "C3'"  . DA  B 2 8  ? 8.382   8.936   -0.323  1.00 1.17 ? 20 DA  B "C3'"  1 
ATOM   603 O  "O3'"  . DA  B 2 8  ? 7.678   10.175  -0.190  1.00 1.19 ? 20 DA  B "O3'"  1 
ATOM   604 C  "C2'"  . DA  B 2 8  ? 8.082   8.015   0.845   1.00 1.08 ? 20 DA  B "C2'"  1 
ATOM   605 C  "C1'"  . DA  B 2 8  ? 6.773   7.367   0.421   1.00 1.00 ? 20 DA  B "C1'"  1 
ATOM   606 N  N9     . DA  B 2 8  ? 6.591   6.000   0.908   1.00 0.94 ? 20 DA  B N9     1 
ATOM   607 C  C8     . DA  B 2 8  ? 7.491   4.966   0.839   1.00 1.02 ? 20 DA  B C8     1 
ATOM   608 N  N7     . DA  B 2 8  ? 7.043   3.841   1.341   1.00 0.95 ? 20 DA  B N7     1 
ATOM   609 C  C5     . DA  B 2 8  ? 5.764   4.159   1.777   1.00 0.80 ? 20 DA  B C5     1 
ATOM   610 C  C6     . DA  B 2 8  ? 4.768   3.398   2.407   1.00 0.67 ? 20 DA  B C6     1 
ATOM   611 N  N6     . DA  B 2 8  ? 4.907   2.108   2.704   1.00 0.68 ? 20 DA  B N6     1 
ATOM   612 N  N1     . DA  B 2 8  ? 3.607   4.013   2.720   1.00 0.55 ? 20 DA  B N1     1 
ATOM   613 C  C2     . DA  B 2 8  ? 3.466   5.307   2.408   1.00 0.58 ? 20 DA  B C2     1 
ATOM   614 N  N3     . DA  B 2 8  ? 4.330   6.129   1.812   1.00 0.70 ? 20 DA  B N3     1 
ATOM   615 C  C4     . DA  B 2 8  ? 5.473   5.486   1.521   1.00 0.80 ? 20 DA  B C4     1 
ATOM   616 H  "H5'"  . DA  B 2 8  ? 8.483   7.010   -3.208  1.00 1.11 ? 20 DA  B "H5'"  1 
ATOM   617 H  "H5''" . DA  B 2 8  ? 9.793   7.842   -2.344  1.00 1.22 ? 20 DA  B "H5''" 1 
ATOM   618 H  "H4'"  . DA  B 2 8  ? 7.498   8.892   -2.245  1.00 1.12 ? 20 DA  B "H4'"  1 
ATOM   619 H  "H3'"  . DA  B 2 8  ? 9.449   9.135   -0.425  1.00 1.26 ? 20 DA  B "H3'"  1 
ATOM   620 H  "H2'"  . DA  B 2 8  ? 8.879   7.285   0.988   1.00 1.10 ? 20 DA  B "H2'"  1 
ATOM   621 H  "H2''" . DA  B 2 8  ? 7.980   8.575   1.774   1.00 1.07 ? 20 DA  B "H2''" 1 
ATOM   622 H  "H1'"  . DA  B 2 8  ? 5.918   7.967   0.734   1.00 0.98 ? 20 DA  B "H1'"  1 
ATOM   623 H  H8     . DA  B 2 8  ? 8.478   5.070   0.416   1.00 1.13 ? 20 DA  B H8     1 
ATOM   624 H  H61    . DA  B 2 8  ? 5.767   1.634   2.473   1.00 0.79 ? 20 DA  B H61    1 
ATOM   625 H  H62    . DA  B 2 8  ? 4.159   1.603   3.164   1.00 0.59 ? 20 DA  B H62    1 
ATOM   626 H  H2     . DA  B 2 8  ? 2.509   5.752   2.681   1.00 0.51 ? 20 DA  B H2     1 
ATOM   627 P  P      . DG  B 2 9  ? 8.364   11.407  0.583   1.00 1.26 ? 21 DG  B P      1 
ATOM   628 O  OP1    . DG  B 2 9  ? 8.724   12.439  -0.423  1.00 1.40 ? 21 DG  B OP1    1 
ATOM   629 O  OP2    . DG  B 2 9  ? 9.415   10.856  1.476   1.00 1.27 ? 21 DG  B OP2    1 
ATOM   630 O  "O5'"  . DG  B 2 9  ? 7.194   11.985  1.498   1.00 1.20 ? 21 DG  B "O5'"  1 
ATOM   631 C  "C5'"  . DG  B 2 9  ? 6.069   12.649  0.920   1.00 1.23 ? 21 DG  B "C5'"  1 
ATOM   632 C  "C4'"  . DG  B 2 9  ? 4.893   12.611  1.870   1.00 1.14 ? 21 DG  B "C4'"  1 
ATOM   633 O  "O4'"  . DG  B 2 9  ? 4.343   11.272  1.891   1.00 1.01 ? 21 DG  B "O4'"  1 
ATOM   634 C  "C3'"  . DG  B 2 9  ? 5.221   12.934  3.325   1.00 1.06 ? 21 DG  B "C3'"  1 
ATOM   635 O  "O3'"  . DG  B 2 9  ? 5.060   14.335  3.577   1.00 1.15 ? 21 DG  B "O3'"  1 
ATOM   636 C  "C2'"  . DG  B 2 9  ? 4.188   12.125  4.086   1.00 0.96 ? 21 DG  B "C2'"  1 
ATOM   637 C  "C1'"  . DG  B 2 9  ? 4.059   10.878  3.227   1.00 0.93 ? 21 DG  B "C1'"  1 
ATOM   638 N  N9     . DG  B 2 9  ? 4.982   9.804   3.582   1.00 0.84 ? 21 DG  B N9     1 
ATOM   639 C  C8     . DG  B 2 9  ? 6.318   9.727   3.279   1.00 0.87 ? 21 DG  B C8     1 
ATOM   640 N  N7     . DG  B 2 9  ? 6.887   8.642   3.724   1.00 0.79 ? 21 DG  B N7     1 
ATOM   641 C  C5     . DG  B 2 9  ? 5.862   7.958   4.364   1.00 0.69 ? 21 DG  B C5     1 
ATOM   642 C  C6     . DG  B 2 9  ? 5.872   6.713   5.042   1.00 0.57 ? 21 DG  B C6     1 
ATOM   643 O  O6     . DG  B 2 9  ? 6.820   5.940   5.218   1.00 0.54 ? 21 DG  B O6     1 
ATOM   644 N  N1     . DG  B 2 9  ? 4.615   6.393   5.543   1.00 0.50 ? 21 DG  B N1     1 
ATOM   645 C  C2     . DG  B 2 9  ? 3.494   7.170   5.411   1.00 0.55 ? 21 DG  B C2     1 
ATOM   646 N  N2     . DG  B 2 9  ? 2.377   6.687   5.968   1.00 0.48 ? 21 DG  B N2     1 
ATOM   647 N  N3     . DG  B 2 9  ? 3.469   8.334   4.784   1.00 0.66 ? 21 DG  B N3     1 
ATOM   648 C  C4     . DG  B 2 9  ? 4.680   8.663   4.288   1.00 0.72 ? 21 DG  B C4     1 
ATOM   649 H  "H5'"  . DG  B 2 9  ? 5.790   12.156  -0.011  1.00 1.22 ? 21 DG  B "H5'"  1 
ATOM   650 H  "H5''" . DG  B 2 9  ? 6.323   13.688  0.711   1.00 1.35 ? 21 DG  B "H5''" 1 
ATOM   651 H  "H4'"  . DG  B 2 9  ? 4.176   13.364  1.536   1.00 1.24 ? 21 DG  B "H4'"  1 
ATOM   652 H  "H3'"  . DG  B 2 9  ? 6.239   12.636  3.575   1.00 1.01 ? 21 DG  B "H3'"  1 
ATOM   653 H  "H2'"  . DG  B 2 9  ? 4.525   11.899  5.097   1.00 0.87 ? 21 DG  B "H2'"  1 
ATOM   654 H  "H2''" . DG  B 2 9  ? 3.243   12.663  4.166   1.00 1.03 ? 21 DG  B "H2''" 1 
ATOM   655 H  "H1'"  . DG  B 2 9  ? 3.040   10.486  3.255   1.00 0.92 ? 21 DG  B "H1'"  1 
ATOM   656 H  H8     . DG  B 2 9  ? 6.846   10.490  2.726   1.00 0.96 ? 21 DG  B H8     1 
ATOM   657 H  H1     . DG  B 2 9  ? 4.511   5.522   6.044   1.00 0.42 ? 21 DG  B H1     1 
ATOM   658 H  H21    . DG  B 2 9  ? 1.522   7.217   5.902   1.00 0.52 ? 21 DG  B H21    1 
ATOM   659 H  H22    . DG  B 2 9  ? 2.387   5.798   6.451   1.00 0.40 ? 21 DG  B H22    1 
ATOM   660 P  P      . DA  B 2 10 ? 6.029   15.075  4.626   1.00 1.09 ? 22 DA  B P      1 
ATOM   661 O  OP1    . DA  B 2 10 ? 5.770   16.533  4.509   1.00 1.22 ? 22 DA  B OP1    1 
ATOM   662 O  OP2    . DA  B 2 10 ? 7.409   14.558  4.437   1.00 1.01 ? 22 DA  B OP2    1 
ATOM   663 O  "O5'"  . DA  B 2 10 ? 5.503   14.589  6.049   1.00 1.00 ? 22 DA  B "O5'"  1 
ATOM   664 C  "C5'"  . DA  B 2 10 ? 4.109   14.590  6.359   1.00 1.10 ? 22 DA  B "C5'"  1 
ATOM   665 C  "C4'"  . DA  B 2 10 ? 3.865   13.862  7.660   1.00 1.18 ? 22 DA  B "C4'"  1 
ATOM   666 O  "O4'"  . DA  B 2 10 ? 3.805   12.439  7.410   1.00 1.34 ? 22 DA  B "O4'"  1 
ATOM   667 C  "C3'"  . DA  B 2 10 ? 4.964   14.037  8.702   1.00 0.98 ? 22 DA  B "C3'"  1 
ATOM   668 O  "O3'"  . DA  B 2 10 ? 4.683   15.175  9.523   1.00 1.00 ? 22 DA  B "O3'"  1 
ATOM   669 C  "C2'"  . DA  B 2 10 ? 4.877   12.752  9.502   1.00 1.06 ? 22 DA  B "C2'"  1 
ATOM   670 C  "C1'"  . DA  B 2 10 ? 4.445   11.725  8.462   1.00 1.16 ? 22 DA  B "C1'"  1 
ATOM   671 N  N9     . DA  B 2 10 ? 5.541   10.953  7.874   1.00 0.96 ? 22 DA  B N9     1 
ATOM   672 C  C8     . DA  B 2 10 ? 6.338   11.290  6.807   1.00 0.94 ? 22 DA  B C8     1 
ATOM   673 N  N7     . DA  B 2 10 ? 7.225   10.374  6.500   1.00 0.84 ? 22 DA  B N7     1 
ATOM   674 C  C5     . DA  B 2 10 ? 7.002   9.369   7.431   1.00 0.74 ? 22 DA  B C5     1 
ATOM   675 C  C6     . DA  B 2 10 ? 7.615   8.122   7.643   1.00 0.64 ? 22 DA  B C6     1 
ATOM   676 N  N6     . DA  B 2 10 ? 8.619   7.653   6.897   1.00 0.71 ? 22 DA  B N6     1 
ATOM   677 N  N1     . DA  B 2 10 ? 7.155   7.360   8.658   1.00 0.55 ? 22 DA  B N1     1 
ATOM   678 C  C2     . DA  B 2 10 ? 6.147   7.831   9.407   1.00 0.64 ? 22 DA  B C2     1 
ATOM   679 N  N3     . DA  B 2 10 ? 5.493   8.984   9.307   1.00 0.81 ? 22 DA  B N3     1 
ATOM   680 C  C4     . DA  B 2 10 ? 5.972   9.715   8.287   1.00 0.82 ? 22 DA  B C4     1 
ATOM   681 H  "H5'"  . DA  B 2 10 ? 3.555   14.093  5.563   1.00 1.21 ? 22 DA  B "H5'"  1 
ATOM   682 H  "H5''" . DA  B 2 10 ? 3.755   15.617  6.453   1.00 1.05 ? 22 DA  B "H5''" 1 
ATOM   683 H  "H4'"  . DA  B 2 10 ? 2.949   14.263  8.097   1.00 1.30 ? 22 DA  B "H4'"  1 
ATOM   684 H  "H3'"  . DA  B 2 10 ? 5.938   14.161  8.230   1.00 0.82 ? 22 DA  B "H3'"  1 
ATOM   685 H  "H2'"  . DA  B 2 10 ? 5.835   12.501  9.955   1.00 0.91 ? 22 DA  B "H2'"  1 
ATOM   686 H  "H2''" . DA  B 2 10 ? 4.146   12.833  10.306  1.00 1.22 ? 22 DA  B "H2''" 1 
ATOM   687 H  "H1'"  . DA  B 2 10 ? 3.719   11.028  8.882   1.00 1.31 ? 22 DA  B "H1'"  1 
ATOM   688 H  H8     . DA  B 2 10 ? 6.243   12.223  6.271   1.00 1.03 ? 22 DA  B H8     1 
ATOM   689 H  H61    . DA  B 2 10 ? 8.973   8.211   6.133   1.00 0.81 ? 22 DA  B H61    1 
ATOM   690 H  H62    . DA  B 2 10 ? 9.022   6.746   7.093   1.00 0.71 ? 22 DA  B H62    1 
ATOM   691 H  H2     . DA  B 2 10 ? 5.818   7.176   10.213  1.00 0.63 ? 22 DA  B H2     1 
ATOM   692 P  P      . DG  B 2 11 ? 5.796   16.318  9.720   1.00 0.92 ? 23 DG  B P      1 
ATOM   693 O  OP1    . DG  B 2 11 ? 5.124   17.625  9.508   1.00 1.22 ? 23 DG  B OP1    1 
ATOM   694 O  OP2    . DG  B 2 11 ? 6.997   15.972  8.917   1.00 0.71 ? 23 DG  B OP2    1 
ATOM   695 O  "O5'"  . DG  B 2 11 ? 6.183   16.213  11.262  1.00 0.83 ? 23 DG  B "O5'"  1 
ATOM   696 C  "C5'"  . DG  B 2 11 ? 5.264   15.677  12.216  1.00 1.02 ? 23 DG  B "C5'"  1 
ATOM   697 C  "C4'"  . DG  B 2 11 ? 5.937   14.611  13.048  1.00 1.06 ? 23 DG  B "C4'"  1 
ATOM   698 O  "O4'"  . DG  B 2 11 ? 6.112   13.423  12.254  1.00 0.93 ? 23 DG  B "O4'"  1 
ATOM   699 C  "C3'"  . DG  B 2 11 ? 7.340   14.954  13.532  1.00 0.98 ? 23 DG  B "C3'"  1 
ATOM   700 O  "O3'"  . DG  B 2 11 ? 7.278   15.664  14.774  1.00 1.24 ? 23 DG  B "O3'"  1 
ATOM   701 C  "C2'"  . DG  B 2 11 ? 7.977   13.588  13.721  1.00 0.93 ? 23 DG  B "C2'"  1 
ATOM   702 C  "C1'"  . DG  B 2 11 ? 7.186   12.665  12.791  1.00 0.86 ? 23 DG  B "C1'"  1 
ATOM   703 N  N9     . DG  B 2 11 ? 7.964   12.134  11.676  1.00 0.61 ? 23 DG  B N9     1 
ATOM   704 C  C8     . DG  B 2 11 ? 8.212   12.741  10.469  1.00 0.51 ? 23 DG  B C8     1 
ATOM   705 N  N7     . DG  B 2 11 ? 8.948   12.019  9.671   1.00 0.31 ? 23 DG  B N7     1 
ATOM   706 C  C5     . DG  B 2 11 ? 9.203   10.861  10.396  1.00 0.25 ? 23 DG  B C5     1 
ATOM   707 C  C6     . DG  B 2 11 ? 9.954   9.708   10.054  1.00 0.09 ? 23 DG  B C6     1 
ATOM   708 O  O6     . DG  B 2 11 ? 10.563  9.470   9.005   1.00 0.21 ? 23 DG  B O6     1 
ATOM   709 N  N1     . DG  B 2 11 ? 9.955   8.773   11.082  1.00 0.17 ? 23 DG  B N1     1 
ATOM   710 C  C2     . DG  B 2 11 ? 9.315   8.929   12.293  1.00 0.36 ? 23 DG  B C2     1 
ATOM   711 N  N2     . DG  B 2 11 ? 9.422   7.925   13.177  1.00 0.45 ? 23 DG  B N2     1 
ATOM   712 N  N3     . DG  B 2 11 ? 8.613   9.999   12.621  1.00 0.52 ? 23 DG  B N3     1 
ATOM   713 C  C4     . DG  B 2 11 ? 8.600   10.918  11.635  1.00 0.45 ? 23 DG  B C4     1 
ATOM   714 H  "H5'"  . DG  B 2 11 ? 4.409   15.239  11.700  1.00 1.10 ? 23 DG  B "H5'"  1 
ATOM   715 H  "H5''" . DG  B 2 11 ? 4.915   16.471  12.874  1.00 1.09 ? 23 DG  B "H5''" 1 
ATOM   716 H  "H4'"  . DG  B 2 11 ? 5.326   14.449  13.937  1.00 1.28 ? 23 DG  B "H4'"  1 
ATOM   717 H  "H3'"  . DG  B 2 11 ? 7.873   15.556  12.797  1.00 0.82 ? 23 DG  B "H3'"  1 
ATOM   718 H  "H2'"  . DG  B 2 11 ? 9.039   13.608  13.475  1.00 0.84 ? 23 DG  B "H2'"  1 
ATOM   719 H  "H2''" . DG  B 2 11 ? 7.887   13.248  14.753  1.00 1.07 ? 23 DG  B "H2''" 1 
ATOM   720 H  "H1'"  . DG  B 2 11 ? 6.759   11.829  13.344  1.00 0.99 ? 23 DG  B "H1'"  1 
ATOM   721 H  H8     . DG  B 2 11 ? 7.835   13.719  10.209  1.00 0.60 ? 23 DG  B H8     1 
ATOM   722 H  H1     . DG  B 2 11 ? 10.475  7.927   10.885  1.00 0.20 ? 23 DG  B H1     1 
ATOM   723 H  H21    . DG  B 2 11 ? 8.958   8.027   14.067  1.00 0.60 ? 23 DG  B H21    1 
ATOM   724 H  H22    . DG  B 2 11 ? 9.943   7.075   12.999  1.00 0.39 ? 23 DG  B H22    1 
ATOM   725 P  P      . DG  B 2 12 ? 8.502   16.608  15.218  1.00 1.33 ? 24 DG  B P      1 
ATOM   726 O  OP1    . DG  B 2 12 ? 7.970   17.651  16.133  1.00 1.62 ? 24 DG  B OP1    1 
ATOM   727 O  OP2    . DG  B 2 12 ? 9.236   17.015  13.993  1.00 1.12 ? 24 DG  B OP2    1 
ATOM   728 O  "O5'"  . DG  B 2 12 ? 9.449   15.643  16.061  1.00 1.38 ? 24 DG  B "O5'"  1 
ATOM   729 C  "C5'"  . DG  B 2 12 ? 8.940   14.890  17.163  1.00 1.53 ? 24 DG  B "C5'"  1 
ATOM   730 C  "C4'"  . DG  B 2 12 ? 10.042  14.070  17.791  1.00 1.57 ? 24 DG  B "C4'"  1 
ATOM   731 O  "O4'"  . DG  B 2 12 ? 10.447  13.029  16.873  1.00 1.33 ? 24 DG  B "O4'"  1 
ATOM   732 C  "C3'"  . DG  B 2 12 ? 11.322  14.838  18.109  1.00 1.74 ? 24 DG  B "C3'"  1 
ATOM   733 O  "O3'"  . DG  B 2 12 ? 11.272  15.395  19.425  1.00 2.04 ? 24 DG  B "O3'"  1 
ATOM   734 C  "C2'"  . DG  B 2 12 ? 12.388  13.762  18.026  1.00 1.73 ? 24 DG  B "C2'"  1 
ATOM   735 C  "C1'"  . DG  B 2 12 ? 11.852  12.818  16.954  1.00 1.43 ? 24 DG  B "C1'"  1 
ATOM   736 N  N9     . DG  B 2 12 ? 12.415  13.036  15.626  1.00 1.28 ? 24 DG  B N9     1 
ATOM   737 C  C8     . DG  B 2 12 ? 12.389  14.198  14.894  1.00 1.20 ? 24 DG  B C8     1 
ATOM   738 N  N7     . DG  B 2 12 ? 12.979  14.092  13.736  1.00 1.11 ? 24 DG  B N7     1 
ATOM   739 C  C5     . DG  B 2 12 ? 13.423  12.777  13.699  1.00 1.13 ? 24 DG  B C5     1 
ATOM   740 C  C6     . DG  B 2 12 ? 14.133  12.073  12.691  1.00 1.13 ? 24 DG  B C6     1 
ATOM   741 O  O6     . DG  B 2 12 ? 14.526  12.486  11.594  1.00 1.11 ? 24 DG  B O6     1 
ATOM   742 N  N1     . DG  B 2 12 ? 14.377  10.756  13.063  1.00 1.19 ? 24 DG  B N1     1 
ATOM   743 C  C2     . DG  B 2 12 ? 13.992  10.189  14.249  1.00 1.24 ? 24 DG  B C2     1 
ATOM   744 N  N2     . DG  B 2 12 ? 14.324  8.907   14.416  1.00 1.29 ? 24 DG  B N2     1 
ATOM   745 N  N3     . DG  B 2 12 ? 13.332  10.829  15.197  1.00 1.27 ? 24 DG  B N3     1 
ATOM   746 C  C4     . DG  B 2 12 ? 13.082  12.111  14.857  1.00 1.22 ? 24 DG  B C4     1 
ATOM   747 H  "H5'"  . DG  B 2 12 ? 8.153   14.220  16.816  1.00 1.37 ? 24 DG  B "H5'"  1 
ATOM   748 H  "H5''" . DG  B 2 12 ? 8.528   15.567  17.911  1.00 1.83 ? 24 DG  B "H5''" 1 
ATOM   749 H  "H4'"  . DG  B 2 12 ? 9.666   13.682  18.740  1.00 1.71 ? 24 DG  B "H4'"  1 
ATOM   750 H  "H3'"  . DG  B 2 12 ? 11.492  15.636  17.385  1.00 1.67 ? 24 DG  B "H3'"  1 
ATOM   751 H  "HO3'" . DG  B 2 12 ? 10.891  16.274  19.351  1.00 2.17 ? 24 DG  B "HO3'" 1 
ATOM   752 H  "H2'"  . DG  B 2 12 ? 13.357  14.182  17.758  1.00 1.79 ? 24 DG  B "H2'"  1 
ATOM   753 H  "H2''" . DG  B 2 12 ? 12.507  13.248  18.980  1.00 1.89 ? 24 DG  B "H2''" 1 
ATOM   754 H  "H1'"  . DG  B 2 12 ? 12.018  11.776  17.234  1.00 1.42 ? 24 DG  B "H1'"  1 
ATOM   755 H  H8     . DG  B 2 12 ? 11.925  15.109  15.243  1.00 1.24 ? 24 DG  B H8     1 
ATOM   756 H  H1     . DG  B 2 12 ? 14.878  10.161  12.419  1.00 1.23 ? 24 DG  B H1     1 
ATOM   757 H  H21    . DG  B 2 12 ? 14.067  8.435   15.268  1.00 1.34 ? 24 DG  B H21    1 
ATOM   758 H  H22    . DG  B 2 12 ? 14.829  8.410   13.693  1.00 1.31 ? 24 DG  B H22    1 
HETATM 759 PT PT     . 1PT C 3 .  ? -4.160  1.364   1.213   1.00 0.15 ? 13 1PT A PT     1 
HETATM 760 N  N1     . 1PT C 3 .  ? -4.248  0.279   2.921   1.00 0.19 ? 13 1PT A N1     1 
HETATM 761 N  N2     . 1PT C 3 .  ? -5.146  -0.184  0.359   1.00 0.29 ? 13 1PT A N2     1 
HETATM 762 C  C1     . 1PT C 3 .  ? -5.237  -0.887  2.713   1.00 0.26 ? 13 1PT A C1     1 
HETATM 763 C  C2     . 1PT C 3 .  ? -5.029  -1.399  1.298   1.00 0.25 ? 13 1PT A C2     1 
HETATM 764 C  C3     . 1PT C 3 .  ? -6.007  -2.488  0.965   1.00 0.36 ? 13 1PT A C3     1 
HETATM 765 C  C4     . 1PT C 3 .  ? -5.877  -3.636  1.939   1.00 0.32 ? 13 1PT A C4     1 
HETATM 766 C  C5     . 1PT C 3 .  ? -6.090  -3.145  3.457   1.00 0.34 ? 13 1PT A C5     1 
HETATM 767 C  C6     . 1PT C 3 .  ? -5.059  -1.984  3.709   1.00 0.26 ? 13 1PT A C6     1 
HETATM 768 H  H11    . 1PT C 3 .  ? -3.353  -0.132  3.145   1.00 0.14 ? 13 1PT A H11    1 
HETATM 769 H  H12    . 1PT C 3 .  ? -4.608  0.830   3.688   1.00 0.28 ? 13 1PT A H12    1 
HETATM 770 H  H21    . 1PT C 3 .  ? -4.730  -0.452  -0.522  1.00 0.31 ? 13 1PT A H21    1 
HETATM 771 H  H22    . 1PT C 3 .  ? -6.132  0.015   0.259   1.00 0.38 ? 13 1PT A H22    1 
HETATM 772 H  H1     . 1PT C 3 .  ? -6.255  -0.508  2.808   1.00 0.36 ? 13 1PT A H1     1 
HETATM 773 H  H2     . 1PT C 3 .  ? -4.021  -1.807  1.217   1.00 0.17 ? 13 1PT A H2     1 
HETATM 774 H  H31    . 1PT C 3 .  ? -7.020  -2.089  1.013   1.00 0.45 ? 13 1PT A H31    1 
HETATM 775 H  H32    . 1PT C 3 .  ? -5.811  -2.850  -0.044  1.00 0.40 ? 13 1PT A H32    1 
HETATM 776 H  H41    . 1PT C 3 .  ? -4.885  -4.077  1.841   1.00 0.24 ? 13 1PT A H41    1 
HETATM 777 H  H42    . 1PT C 3 .  ? -6.627  -4.391  1.701   1.00 0.41 ? 13 1PT A H42    1 
HETATM 778 H  H51    . 1PT C 3 .  ? -7.106  -2.777  3.591   1.00 0.44 ? 13 1PT A H51    1 
HETATM 779 H  H52    . 1PT C 3 .  ? -5.897  -3.969  4.145   1.00 0.33 ? 13 1PT A H52    1 
HETATM 780 H  H61    . 1PT C 3 .  ? -4.047  -2.380  3.631   1.00 0.17 ? 13 1PT A H61    1 
HETATM 781 H  H62    . 1PT C 3 .  ? -5.210  -1.584  4.712   1.00 0.34 ? 13 1PT A H62    1 
# 
